data_9NWW
#
_entry.id   9NWW
#
_cell.length_a   1.00
_cell.length_b   1.00
_cell.length_c   1.00
_cell.angle_alpha   90.00
_cell.angle_beta   90.00
_cell.angle_gamma   90.00
#
_symmetry.space_group_name_H-M   'P 1'
#
loop_
_entity.id
_entity.type
_entity.pdbx_description
1 polymer 'Probable phosphatidylethanolamine transferase Mcr-1'
2 polymer 'Fab (MR6) Light (L) Chain'
3 polymer 'Fab (MR6) Heavy (H) Chain'
4 non-polymer '(2~{R},4~{R},5~{R},6~{R})-6-[(1~{R})-1,2-bis(oxidanyl)ethyl]-2-[(2~{R},4~{R},5~{R},6~{R})-6-[(1~{R})-1,2-bis(oxidanyl)ethyl]-2-carboxy-2-[[(2~{R},3~{S},4~{R},5~{R},6~{R})-5-[[(3~{R})-3-dodecanoyloxytetradecanoyl]amino]-6-[[(2~{R},3~{S},4~{R},5~{R},6~{R})-3-oxidanyl-5-[[(3~{R})-3-oxidanyltetradecanoyl]amino]-4-[(3~{R})-3-oxidanyltetradecanoyl]oxy-6-phosphonooxy-oxan-2-yl]methoxy]-3-phosphonooxy-4-[(3~{R})-3-tetradecanoyloxytetradecanoyl]oxy-oxan-2-yl]methoxy]-5-oxidanyl-oxan-4-yl]oxy-4,5-bis(oxidanyl)oxane-2-carboxylic acid'
5 non-polymer 1,2-dioleoyl-sn-glycero-3-phosphoethanolamine
#
loop_
_entity_poly.entity_id
_entity_poly.type
_entity_poly.pdbx_seq_one_letter_code
_entity_poly.pdbx_strand_id
1 'polypeptide(L)'
;MHHHHHHHHHHSSGVDLGTENLYFQSNAGGGSGGGSMMQHTSVWYRRSVSPFVLVASVAVFLTATANLTFFDKISQTYPI
ADNLGFVLTIAVVLFGAMLLITTLLSSYRYVLKPVLILLLIMGAVTSYFTDTYGTVYDTTMLQNALQTDQAETKDLLNAA
FIMRIIGLGVLPSLLVAFVKVDYPTWGKGLMRRLGLIVASLALILLPVVAFSSHYASFFRVHKPLRSYVNPIMPIYSVGK
LASIEYKKASAPKDTIYHAKDAVQATKPDMRKPRLVVFVVGETARADHVSFNGYERDTFPQLAKIDGVTNFSNVTSCGTS
TAYSVPCMFSYLGADEYDVDTAKYQENVLDTLDRLGVSILWRDNNSDSKGVMDKLPKAQFADYKSATNNAICNTNPYNEC
RDVGMLVGLDDFVAANNGKDMLIMLHQMGNHGPAYFKRYDEKFAKFTPVCEGNELAKCEHQSLINAYDNALLATDDFIAQ
SIQWLQTHSNAYDVSMLYVSDHGESLGENGVYLHGMPNAFAPKEQRSVPAFFWTDKQTGITPMATDTVLTHDAITPTLLK
LFDVTADKVKDRTAFIR
;
B
2 'polypeptide(L)'
;SDIQMTQSPSSLSASVGDRVTITCRASQSVSSAVAWYQQKPGKAPKLLIYSASSLYSGVPSRFSGSRSGTDFTLTISSLQ
PEDFATYYCQQSYWPITFGQGTKVEIKRTVAAPSVFIFPPSDSQLKSGTASVVCLLNNFYPREAKVQWKVDNALQSGNSQ
ESVTEQDSKDSTYSLSSTLTLSKADYEKHKVYACEVTHQGLSSPVTKSFNRGEC
;
C
3 'polypeptide(L)'
;EISEVQLVESGGGLVQPGGSLRLSCAASGFNVYYSSIHWVRQAPGKGLEWVASIYSSYSSTSYADSVKGRFTISADTSKN
TAYLQMNSLRAEDTAVYYCASGNFSSWWSHGWYALYWGQGTLVTVSSASTKGPSVFPLAPSSKSTSGGTAALGCLVKDYF
PEPVTVSWNSGALTSGVHTFPAVLQSSGLYSLSSVVTVPSSSLGTQTYICNVNHKPSNTKVDKKVEPKSCDKTHT
;
D
#
# COMPACT_ATOMS: atom_id res chain seq x y z
N ARG A 46 -23.82 -6.24 42.90
CA ARG A 46 -24.45 -5.11 42.23
C ARG A 46 -24.23 -3.82 43.01
N ARG A 47 -23.24 -3.84 43.89
CA ARG A 47 -22.89 -2.64 44.65
C ARG A 47 -22.35 -1.57 43.70
N SER A 48 -22.53 -0.31 44.11
CA SER A 48 -22.09 0.82 43.29
C SER A 48 -20.60 0.74 43.02
N VAL A 49 -20.22 0.79 41.74
CA VAL A 49 -18.82 0.72 41.35
C VAL A 49 -18.34 2.12 41.00
N SER A 50 -17.09 2.42 41.36
CA SER A 50 -16.54 3.72 41.07
C SER A 50 -16.39 3.92 39.56
N PRO A 51 -16.49 5.15 39.08
CA PRO A 51 -16.31 5.38 37.64
C PRO A 51 -14.94 4.97 37.13
N PHE A 52 -13.91 5.09 37.98
CA PHE A 52 -12.55 4.84 37.53
C PHE A 52 -12.28 3.36 37.29
N VAL A 53 -12.84 2.49 38.14
CA VAL A 53 -12.66 1.06 37.90
C VAL A 53 -13.40 0.64 36.63
N LEU A 54 -14.56 1.24 36.35
CA LEU A 54 -15.25 0.96 35.09
C LEU A 54 -14.43 1.44 33.91
N VAL A 55 -13.79 2.61 34.03
CA VAL A 55 -12.94 3.11 32.96
C VAL A 55 -11.76 2.16 32.72
N ALA A 56 -11.15 1.70 33.80
CA ALA A 56 -10.03 0.75 33.67
C ALA A 56 -10.48 -0.55 33.03
N SER A 57 -11.66 -1.05 33.42
CA SER A 57 -12.18 -2.28 32.82
C SER A 57 -12.48 -2.10 31.34
N VAL A 58 -13.02 -0.94 30.96
CA VAL A 58 -13.27 -0.66 29.55
C VAL A 58 -11.96 -0.62 28.78
N ALA A 59 -10.94 0.02 29.35
CA ALA A 59 -9.64 0.06 28.69
C ALA A 59 -9.04 -1.33 28.52
N VAL A 60 -9.16 -2.17 29.56
CA VAL A 60 -8.66 -3.54 29.47
C VAL A 60 -9.40 -4.32 28.40
N PHE A 61 -10.73 -4.19 28.37
CA PHE A 61 -11.52 -4.91 27.37
C PHE A 61 -11.17 -4.47 25.96
N LEU A 62 -11.00 -3.16 25.75
CA LEU A 62 -10.64 -2.67 24.42
C LEU A 62 -9.25 -3.11 24.01
N THR A 63 -8.28 -3.07 24.94
CA THR A 63 -6.93 -3.49 24.59
C THR A 63 -6.86 -5.00 24.39
N ALA A 64 -7.81 -5.75 24.97
CA ALA A 64 -7.78 -7.20 24.82
C ALA A 64 -8.47 -7.65 23.54
N THR A 65 -9.68 -7.14 23.26
CA THR A 65 -10.49 -7.65 22.18
C THR A 65 -10.43 -6.81 20.91
N ALA A 66 -10.19 -5.50 21.03
CA ALA A 66 -10.25 -4.63 19.87
C ALA A 66 -8.91 -4.47 19.14
N ASN A 67 -7.84 -5.09 19.65
CA ASN A 67 -6.52 -4.98 19.05
C ASN A 67 -5.99 -6.34 18.64
N LEU A 68 -6.89 -7.22 18.17
CA LEU A 68 -6.47 -8.57 17.80
C LEU A 68 -5.52 -8.56 16.62
N THR A 69 -5.81 -7.75 15.60
CA THR A 69 -4.96 -7.71 14.42
C THR A 69 -3.58 -7.12 14.75
N PHE A 70 -3.56 -6.03 15.52
CA PHE A 70 -2.28 -5.43 15.89
C PHE A 70 -1.45 -6.37 16.75
N PHE A 71 -2.09 -7.05 17.71
CA PHE A 71 -1.37 -7.99 18.55
C PHE A 71 -0.83 -9.17 17.73
N ASP A 72 -1.63 -9.68 16.79
CA ASP A 72 -1.15 -10.74 15.92
C ASP A 72 0.03 -10.29 15.08
N LYS A 73 -0.05 -9.07 14.53
CA LYS A 73 1.06 -8.54 13.73
C LYS A 73 2.32 -8.38 14.57
N ILE A 74 2.16 -7.91 15.82
CA ILE A 74 3.32 -7.74 16.70
C ILE A 74 3.93 -9.10 17.04
N SER A 75 3.09 -10.08 17.38
CA SER A 75 3.59 -11.39 17.77
C SER A 75 4.14 -12.17 16.59
N GLN A 76 3.78 -11.81 15.37
CA GLN A 76 4.29 -12.50 14.19
C GLN A 76 5.51 -11.82 13.59
N THR A 77 5.63 -10.48 13.71
CA THR A 77 6.86 -9.81 13.32
C THR A 77 7.98 -10.07 14.33
N TYR A 78 7.68 -9.87 15.61
CA TYR A 78 8.63 -10.16 16.68
C TYR A 78 8.16 -11.39 17.43
N PRO A 79 8.82 -12.53 17.30
CA PRO A 79 8.35 -13.74 17.97
C PRO A 79 8.32 -13.57 19.47
N ILE A 80 7.28 -14.15 20.10
CA ILE A 80 7.13 -14.07 21.54
C ILE A 80 8.23 -14.84 22.26
N ALA A 81 8.86 -15.81 21.60
CA ALA A 81 9.89 -16.61 22.25
C ALA A 81 11.24 -15.90 22.31
N ASP A 82 11.42 -14.82 21.56
CA ASP A 82 12.69 -14.13 21.50
C ASP A 82 12.60 -12.63 21.78
N ASN A 83 11.41 -12.10 22.01
CA ASN A 83 11.21 -10.68 22.25
C ASN A 83 10.21 -10.47 23.39
N LEU A 84 10.36 -11.23 24.47
CA LEU A 84 9.38 -11.22 25.55
C LEU A 84 9.26 -9.82 26.16
N GLY A 85 10.39 -9.20 26.47
CA GLY A 85 10.34 -7.88 27.11
C GLY A 85 9.70 -6.83 26.22
N PHE A 86 10.05 -6.83 24.94
CA PHE A 86 9.51 -5.82 24.03
C PHE A 86 7.99 -5.98 23.87
N VAL A 87 7.51 -7.21 23.71
CA VAL A 87 6.08 -7.41 23.55
C VAL A 87 5.34 -7.09 24.83
N LEU A 88 5.91 -7.44 25.98
CA LEU A 88 5.28 -7.09 27.24
C LEU A 88 5.17 -5.58 27.41
N THR A 89 6.24 -4.85 27.08
CA THR A 89 6.19 -3.40 27.18
C THR A 89 5.21 -2.82 26.16
N ILE A 90 5.10 -3.45 24.99
CA ILE A 90 4.14 -2.99 23.99
C ILE A 90 2.72 -3.13 24.52
N ALA A 91 2.41 -4.27 25.13
CA ALA A 91 1.08 -4.46 25.72
C ALA A 91 0.84 -3.44 26.82
N VAL A 92 1.84 -3.19 27.67
CA VAL A 92 1.67 -2.26 28.78
C VAL A 92 1.43 -0.84 28.25
N VAL A 93 2.21 -0.41 27.27
CA VAL A 93 2.04 0.94 26.74
C VAL A 93 0.73 1.07 25.98
N LEU A 94 0.28 0.00 25.31
CA LEU A 94 -1.01 0.03 24.64
C LEU A 94 -2.14 0.20 25.66
N PHE A 95 -2.08 -0.56 26.76
CA PHE A 95 -3.09 -0.42 27.80
C PHE A 95 -3.04 0.98 28.41
N GLY A 96 -1.84 1.52 28.61
CA GLY A 96 -1.73 2.87 29.14
C GLY A 96 -2.33 3.91 28.22
N ALA A 97 -2.08 3.78 26.91
CA ALA A 97 -2.67 4.70 25.95
C ALA A 97 -4.19 4.61 25.95
N MET A 98 -4.71 3.38 25.99
CA MET A 98 -6.17 3.21 26.03
C MET A 98 -6.75 3.83 27.30
N LEU A 99 -6.10 3.61 28.44
CA LEU A 99 -6.58 4.20 29.70
C LEU A 99 -6.54 5.72 29.65
N LEU A 100 -5.47 6.29 29.09
CA LEU A 100 -5.37 7.74 28.99
C LEU A 100 -6.48 8.30 28.10
N ILE A 101 -6.73 7.63 26.96
CA ILE A 101 -7.78 8.10 26.05
C ILE A 101 -9.14 8.04 26.74
N THR A 102 -9.42 6.93 27.43
CA THR A 102 -10.72 6.79 28.09
C THR A 102 -10.88 7.82 29.21
N THR A 103 -9.83 8.08 29.98
CA THR A 103 -9.93 9.03 31.08
C THR A 103 -10.09 10.45 30.55
N LEU A 104 -9.38 10.81 29.48
CA LEU A 104 -9.52 12.14 28.91
C LEU A 104 -10.91 12.33 28.30
N LEU A 105 -11.57 11.56 27.68
CA LEU A 105 -12.89 11.83 27.05
C LEU A 105 -14.02 11.52 28.04
N SER A 106 -13.64 10.74 29.19
CA SER A 106 -14.66 10.54 30.22
C SER A 106 -14.35 11.34 31.48
N SER A 107 -13.93 12.60 31.30
CA SER A 107 -13.62 13.44 32.45
C SER A 107 -14.86 13.78 33.25
N TYR A 108 -15.97 14.05 32.57
CA TYR A 108 -17.20 14.44 33.25
C TYR A 108 -17.88 13.23 33.88
N ARG A 109 -18.84 13.50 34.76
CA ARG A 109 -19.54 12.45 35.48
C ARG A 109 -20.83 12.03 34.79
N TYR A 110 -21.60 12.99 34.28
CA TYR A 110 -22.90 12.70 33.70
C TYR A 110 -22.83 12.25 32.26
N VAL A 111 -21.64 12.21 31.67
CA VAL A 111 -21.45 11.76 30.29
C VAL A 111 -20.59 10.51 30.21
N LEU A 112 -20.23 9.97 31.45
CA LEU A 112 -19.33 8.79 31.48
C LEU A 112 -19.96 7.66 30.68
N LYS A 113 -21.15 7.29 30.97
CA LYS A 113 -21.81 6.13 30.36
C LYS A 113 -22.04 6.30 28.86
N PRO A 114 -22.59 7.43 28.36
CA PRO A 114 -22.70 7.56 26.90
C PRO A 114 -21.37 7.52 26.17
N VAL A 115 -20.33 8.14 26.75
CA VAL A 115 -19.01 8.12 26.11
C VAL A 115 -18.46 6.71 26.08
N LEU A 116 -18.63 5.95 27.16
CA LEU A 116 -18.19 4.57 27.19
C LEU A 116 -18.94 3.74 26.15
N ILE A 117 -20.25 3.96 26.04
CA ILE A 117 -21.04 3.23 25.05
C ILE A 117 -20.55 3.52 23.64
N LEU A 118 -20.33 4.81 23.35
CA LEU A 118 -19.85 5.20 22.03
C LEU A 118 -18.47 4.60 21.75
N LEU A 119 -17.56 4.64 22.73
CA LEU A 119 -16.23 4.10 22.53
C LEU A 119 -16.28 2.59 22.29
N LEU A 120 -17.10 1.87 23.06
CA LEU A 120 -17.21 0.43 22.88
C LEU A 120 -17.75 0.09 21.50
N ILE A 121 -18.83 0.76 21.10
CA ILE A 121 -19.44 0.47 19.80
C ILE A 121 -18.48 0.78 18.67
N MET A 122 -17.82 1.95 18.73
CA MET A 122 -16.87 2.34 17.70
C MET A 122 -15.71 1.36 17.64
N GLY A 123 -15.18 0.96 18.80
CA GLY A 123 -14.09 0.01 18.81
C GLY A 123 -14.47 -1.32 18.19
N ALA A 124 -15.64 -1.85 18.55
CA ALA A 124 -16.07 -3.12 17.97
C ALA A 124 -16.28 -3.00 16.46
N VAL A 125 -16.91 -1.93 16.01
CA VAL A 125 -17.23 -1.79 14.59
C VAL A 125 -15.95 -1.58 13.77
N THR A 126 -14.95 -0.91 14.33
CA THR A 126 -13.68 -0.78 13.60
C THR A 126 -12.87 -2.06 13.66
N SER A 127 -12.94 -2.78 14.78
CA SER A 127 -12.13 -3.98 14.95
C SER A 127 -12.61 -5.12 14.07
N TYR A 128 -13.91 -5.25 13.87
CA TYR A 128 -14.39 -6.29 12.95
C TYR A 128 -13.77 -6.12 11.58
N PHE A 129 -13.81 -4.89 11.04
CA PHE A 129 -13.28 -4.65 9.70
C PHE A 129 -11.77 -4.71 9.65
N THR A 130 -11.08 -4.27 10.71
CA THR A 130 -9.63 -4.39 10.73
C THR A 130 -9.18 -5.84 10.91
N ASP A 131 -10.07 -6.72 11.36
CA ASP A 131 -9.73 -8.12 11.52
C ASP A 131 -10.05 -8.95 10.28
N THR A 132 -11.31 -8.95 9.86
CA THR A 132 -11.71 -9.83 8.75
C THR A 132 -11.11 -9.37 7.44
N TYR A 133 -11.24 -8.07 7.13
CA TYR A 133 -10.78 -7.55 5.85
C TYR A 133 -9.38 -6.96 5.91
N GLY A 134 -8.79 -6.84 7.10
CA GLY A 134 -7.43 -6.34 7.22
C GLY A 134 -7.24 -4.92 6.74
N THR A 135 -8.23 -4.06 6.94
CA THR A 135 -8.15 -2.66 6.54
C THR A 135 -7.80 -1.78 7.73
N VAL A 136 -7.17 -0.63 7.34
CA VAL A 136 -6.79 0.35 8.38
C VAL A 136 -7.71 1.57 8.25
N TYR A 137 -7.59 2.52 9.19
CA TYR A 137 -8.38 3.75 9.17
C TYR A 137 -7.45 4.94 9.09
N ASP A 138 -7.49 5.64 7.96
CA ASP A 138 -6.78 6.90 7.79
C ASP A 138 -7.79 7.98 7.42
N THR A 139 -7.31 9.19 7.10
CA THR A 139 -8.21 10.25 6.68
C THR A 139 -8.94 9.87 5.39
N THR A 140 -8.21 9.27 4.44
CA THR A 140 -8.84 8.85 3.18
C THR A 140 -9.88 7.76 3.42
N MET A 141 -9.59 6.83 4.33
CA MET A 141 -10.53 5.75 4.61
C MET A 141 -11.84 6.29 5.19
N LEU A 142 -11.73 7.22 6.14
CA LEU A 142 -12.95 7.82 6.70
C LEU A 142 -13.68 8.68 5.68
N GLN A 143 -12.92 9.36 4.79
CA GLN A 143 -13.56 10.11 3.72
C GLN A 143 -14.37 9.19 2.81
N ASN A 144 -13.81 8.02 2.48
CA ASN A 144 -14.57 7.03 1.73
C ASN A 144 -15.78 6.55 2.52
N ALA A 145 -15.61 6.38 3.83
CA ALA A 145 -16.72 5.91 4.66
C ALA A 145 -17.88 6.92 4.69
N LEU A 146 -17.58 8.21 4.64
CA LEU A 146 -18.64 9.22 4.70
C LEU A 146 -19.21 9.58 3.33
N GLN A 147 -18.65 9.04 2.25
CA GLN A 147 -19.15 9.31 0.90
C GLN A 147 -19.87 8.11 0.29
N THR A 148 -20.35 7.20 1.14
CA THR A 148 -20.96 5.97 0.66
C THR A 148 -22.47 6.13 0.50
N ASP A 149 -23.08 5.22 -0.26
CA ASP A 149 -24.52 5.10 -0.37
C ASP A 149 -24.96 3.81 0.31
N GLN A 150 -26.24 3.77 0.68
CA GLN A 150 -26.75 2.64 1.46
C GLN A 150 -26.68 1.33 0.67
N ALA A 151 -26.75 1.40 -0.66
CA ALA A 151 -26.67 0.19 -1.47
C ALA A 151 -25.32 -0.50 -1.29
N GLU A 152 -24.24 0.27 -1.31
CA GLU A 152 -22.91 -0.30 -1.09
C GLU A 152 -22.75 -0.81 0.33
N THR A 153 -23.27 -0.06 1.31
CA THR A 153 -23.16 -0.47 2.71
C THR A 153 -23.88 -1.79 2.96
N LYS A 154 -25.00 -2.02 2.27
CA LYS A 154 -25.78 -3.23 2.50
C LYS A 154 -24.97 -4.49 2.21
N ASP A 155 -24.10 -4.46 1.20
CA ASP A 155 -23.29 -5.63 0.88
C ASP A 155 -22.32 -5.96 2.01
N LEU A 156 -21.73 -4.94 2.63
CA LEU A 156 -20.81 -5.19 3.74
C LEU A 156 -21.53 -5.81 4.92
N LEU A 157 -22.77 -5.38 5.17
CA LEU A 157 -23.57 -5.95 6.24
C LEU A 157 -23.77 -7.45 6.03
N ASN A 158 -23.55 -8.23 7.09
CA ASN A 158 -23.74 -9.67 7.03
C ASN A 158 -23.99 -10.19 8.43
N ALA A 159 -24.42 -11.46 8.50
CA ALA A 159 -24.82 -12.05 9.78
C ALA A 159 -23.64 -12.12 10.75
N ALA A 160 -22.45 -12.48 10.26
CA ALA A 160 -21.30 -12.61 11.13
C ALA A 160 -20.92 -11.26 11.74
N PHE A 161 -20.97 -10.19 10.95
CA PHE A 161 -20.66 -8.86 11.47
C PHE A 161 -21.67 -8.44 12.53
N ILE A 162 -22.96 -8.72 12.29
CA ILE A 162 -23.99 -8.38 13.28
C ILE A 162 -23.76 -9.15 14.57
N MET A 163 -23.46 -10.45 14.47
CA MET A 163 -23.21 -11.25 15.66
C MET A 163 -21.98 -10.75 16.41
N ARG A 164 -20.91 -10.42 15.70
CA ARG A 164 -19.71 -9.92 16.35
C ARG A 164 -19.97 -8.59 17.04
N ILE A 165 -20.61 -7.67 16.53
CA ILE A 165 -20.89 -6.40 17.25
C ILE A 165 -21.75 -6.73 18.47
N ILE A 166 -22.89 -7.54 18.20
CA ILE A 166 -23.73 -7.82 19.36
C ILE A 166 -22.90 -8.39 20.50
N GLY A 167 -21.92 -9.23 20.18
CA GLY A 167 -21.12 -9.86 21.21
C GLY A 167 -20.02 -8.99 21.79
N LEU A 168 -19.55 -7.99 21.04
CA LEU A 168 -18.37 -7.25 21.45
C LEU A 168 -18.61 -5.78 21.78
N GLY A 169 -19.63 -5.14 21.21
CA GLY A 169 -19.85 -3.73 21.46
C GLY A 169 -21.26 -3.42 21.91
N VAL A 170 -22.12 -4.44 21.94
CA VAL A 170 -23.50 -4.28 22.40
C VAL A 170 -23.72 -4.97 23.74
N LEU A 171 -23.25 -6.20 23.89
CA LEU A 171 -23.32 -6.85 25.20
C LEU A 171 -22.48 -6.13 26.25
N PRO A 172 -21.23 -5.75 25.99
CA PRO A 172 -20.54 -4.86 26.94
C PRO A 172 -21.24 -3.52 27.11
N SER A 173 -21.91 -3.03 26.05
CA SER A 173 -22.67 -1.80 26.17
C SER A 173 -23.77 -1.94 27.21
N LEU A 174 -24.51 -3.06 27.17
CA LEU A 174 -25.57 -3.29 28.15
C LEU A 174 -24.98 -3.57 29.53
N LEU A 175 -23.83 -4.23 29.60
CA LEU A 175 -23.18 -4.43 30.90
C LEU A 175 -22.80 -3.12 31.54
N VAL A 176 -22.26 -2.18 30.75
CA VAL A 176 -21.87 -0.88 31.29
C VAL A 176 -23.10 -0.05 31.65
N ALA A 177 -24.13 -0.11 30.81
CA ALA A 177 -25.27 0.78 31.01
C ALA A 177 -26.19 0.30 32.14
N PHE A 178 -26.08 -0.96 32.54
CA PHE A 178 -27.00 -1.54 33.53
C PHE A 178 -26.38 -1.68 34.91
N VAL A 179 -25.24 -1.05 35.17
CA VAL A 179 -24.63 -1.08 36.49
C VAL A 179 -24.77 0.29 37.14
N LYS A 180 -24.73 0.29 38.48
CA LYS A 180 -24.87 1.52 39.25
C LYS A 180 -23.50 2.14 39.51
N VAL A 181 -23.41 3.45 39.29
CA VAL A 181 -22.17 4.20 39.49
C VAL A 181 -22.48 5.43 40.31
N ASP A 182 -21.68 5.68 41.34
CA ASP A 182 -21.83 6.84 42.21
C ASP A 182 -20.66 7.80 41.97
N TYR A 183 -20.97 9.08 41.82
CA TYR A 183 -19.95 10.08 41.58
C TYR A 183 -19.62 10.77 42.90
N PRO A 184 -18.40 10.63 43.41
CA PRO A 184 -18.03 11.30 44.67
C PRO A 184 -17.93 12.81 44.51
N THR A 185 -17.52 13.49 45.58
CA THR A 185 -17.35 14.93 45.53
C THR A 185 -16.32 15.32 44.47
N TRP A 186 -16.40 16.57 44.00
CA TRP A 186 -15.54 17.00 42.91
C TRP A 186 -14.07 16.96 43.29
N GLY A 187 -13.74 17.21 44.55
CA GLY A 187 -12.36 17.18 44.99
C GLY A 187 -11.73 15.80 44.90
N LYS A 188 -12.36 14.81 45.53
CA LYS A 188 -11.85 13.45 45.47
C LYS A 188 -11.94 12.88 44.06
N GLY A 189 -13.00 13.22 43.32
CA GLY A 189 -13.09 12.77 41.94
C GLY A 189 -11.96 13.30 41.08
N LEU A 190 -11.65 14.59 41.22
CA LEU A 190 -10.53 15.17 40.49
C LEU A 190 -9.21 14.58 40.93
N MET A 191 -9.06 14.31 42.23
CA MET A 191 -7.83 13.68 42.71
C MET A 191 -7.63 12.31 42.09
N ARG A 192 -8.68 11.50 42.05
CA ARG A 192 -8.58 10.17 41.45
C ARG A 192 -8.40 10.25 39.94
N ARG A 193 -9.00 11.25 39.29
CA ARG A 193 -8.79 11.45 37.86
C ARG A 193 -7.33 11.78 37.57
N LEU A 194 -6.69 12.60 38.23
CA LEU A 194 -5.26 12.88 37.97
C LEU A 194 -4.47 11.60 38.28
N GLY A 195 -4.83 10.95 39.48
CA GLY A 195 -4.09 9.73 39.75
C GLY A 195 -4.12 8.77 38.58
N LEU A 196 -5.29 8.58 37.98
CA LEU A 196 -5.40 7.73 36.81
C LEU A 196 -4.61 8.30 35.64
N ILE A 197 -4.64 9.63 35.47
CA ILE A 197 -3.90 10.26 34.38
C ILE A 197 -2.40 10.02 34.55
N VAL A 198 -1.89 10.21 35.76
CA VAL A 198 -0.46 10.01 35.99
C VAL A 198 -0.10 8.54 35.88
N ALA A 199 -1.00 7.64 36.28
CA ALA A 199 -0.72 6.21 36.13
C ALA A 199 -0.64 5.81 34.66
N SER A 200 -1.57 6.31 33.83
CA SER A 200 -1.52 6.01 32.41
C SER A 200 -0.28 6.62 31.76
N LEU A 201 0.06 7.85 32.14
CA LEU A 201 1.25 8.48 31.58
C LEU A 201 2.51 7.70 31.98
N ALA A 202 2.57 7.20 33.20
CA ALA A 202 3.69 6.37 33.61
C ALA A 202 3.75 5.08 32.82
N LEU A 203 2.60 4.40 32.69
CA LEU A 203 2.55 3.16 31.91
C LEU A 203 2.90 3.40 30.45
N ILE A 204 2.75 4.63 29.96
CA ILE A 204 3.11 4.92 28.58
C ILE A 204 4.60 5.23 28.47
N LEU A 205 5.13 6.05 29.39
CA LEU A 205 6.49 6.57 29.25
C LEU A 205 7.56 5.65 29.81
N LEU A 206 7.33 5.04 30.98
CA LEU A 206 8.37 4.22 31.59
C LEU A 206 8.82 3.05 30.71
N PRO A 207 7.92 2.27 30.10
CA PRO A 207 8.39 1.27 29.13
C PRO A 207 9.14 1.87 27.96
N VAL A 208 8.78 3.07 27.52
CA VAL A 208 9.50 3.71 26.43
C VAL A 208 10.93 4.01 26.85
N VAL A 209 11.12 4.58 28.04
CA VAL A 209 12.45 4.94 28.50
C VAL A 209 13.28 3.69 28.77
N ALA A 210 12.68 2.68 29.40
CA ALA A 210 13.42 1.45 29.69
C ALA A 210 13.82 0.71 28.42
N PHE A 211 13.07 0.91 27.33
CA PHE A 211 13.35 0.25 26.06
C PHE A 211 13.61 1.30 24.98
N SER A 212 14.47 2.27 25.28
CA SER A 212 14.63 3.44 24.42
C SER A 212 15.00 3.05 23.00
N SER A 213 16.03 2.22 22.83
CA SER A 213 16.48 1.85 21.49
C SER A 213 15.41 1.04 20.75
N HIS A 214 14.79 0.09 21.44
CA HIS A 214 13.78 -0.75 20.80
C HIS A 214 12.61 0.09 20.30
N TYR A 215 12.12 1.01 21.14
CA TYR A 215 10.98 1.80 20.73
C TYR A 215 11.36 2.86 19.69
N ALA A 216 12.59 3.38 19.74
CA ALA A 216 13.04 4.27 18.69
C ALA A 216 13.03 3.55 17.35
N SER A 217 13.54 2.32 17.31
CA SER A 217 13.50 1.54 16.07
C SER A 217 12.07 1.25 15.66
N PHE A 218 11.20 0.91 16.62
CA PHE A 218 9.82 0.59 16.31
C PHE A 218 9.09 1.79 15.70
N PHE A 219 9.31 2.99 16.26
CA PHE A 219 8.64 4.18 15.77
C PHE A 219 9.30 4.74 14.51
N ARG A 220 10.54 4.36 14.22
CA ARG A 220 11.19 4.84 13.01
C ARG A 220 10.92 3.94 11.80
N VAL A 221 10.95 2.63 12.00
CA VAL A 221 10.88 1.68 10.90
C VAL A 221 9.48 1.09 10.74
N HIS A 222 8.81 0.77 11.85
CA HIS A 222 7.57 0.00 11.84
C HIS A 222 6.35 0.88 12.05
N LYS A 223 6.33 2.05 11.43
CA LYS A 223 5.21 2.99 11.55
C LYS A 223 3.84 2.38 11.22
N PRO A 224 3.65 1.57 10.18
CA PRO A 224 2.29 1.15 9.83
C PRO A 224 1.54 0.40 10.92
N LEU A 225 2.23 -0.30 11.83
CA LEU A 225 1.51 -0.99 12.90
C LEU A 225 0.77 -0.02 13.81
N ARG A 226 1.24 1.23 13.89
CA ARG A 226 0.55 2.23 14.70
C ARG A 226 -0.83 2.56 14.15
N SER A 227 -1.11 2.19 12.91
CA SER A 227 -2.41 2.44 12.31
C SER A 227 -3.40 1.29 12.50
N TYR A 228 -2.95 0.15 13.01
CA TYR A 228 -3.81 -1.02 13.19
C TYR A 228 -4.48 -1.05 14.56
N VAL A 229 -4.14 -0.10 15.43
CA VAL A 229 -4.68 -0.10 16.82
C VAL A 229 -6.01 0.65 16.86
N ASN A 230 -7.04 0.04 17.45
CA ASN A 230 -8.36 0.64 17.57
C ASN A 230 -8.74 0.74 19.04
N PRO A 231 -9.55 1.74 19.41
CA PRO A 231 -10.10 2.81 18.57
C PRO A 231 -9.25 4.09 18.58
N ILE A 232 -7.98 4.03 18.96
CA ILE A 232 -7.16 5.23 19.01
C ILE A 232 -6.96 5.80 17.61
N MET A 233 -6.61 4.94 16.65
CA MET A 233 -6.46 5.39 15.27
C MET A 233 -7.73 5.99 14.69
N PRO A 234 -8.93 5.41 14.89
CA PRO A 234 -10.14 6.11 14.46
C PRO A 234 -10.30 7.49 15.07
N ILE A 235 -9.97 7.67 16.35
CA ILE A 235 -10.08 9.00 16.96
C ILE A 235 -9.11 9.98 16.32
N TYR A 236 -7.86 9.55 16.11
CA TYR A 236 -6.89 10.42 15.47
C TYR A 236 -7.32 10.77 14.05
N SER A 237 -7.86 9.78 13.32
CA SER A 237 -8.35 10.03 11.97
C SER A 237 -9.52 10.99 11.98
N VAL A 238 -10.41 10.87 12.96
CA VAL A 238 -11.55 11.78 13.07
C VAL A 238 -11.07 13.20 13.30
N GLY A 239 -10.09 13.37 14.20
CA GLY A 239 -9.55 14.70 14.44
C GLY A 239 -8.87 15.29 13.22
N LYS A 240 -8.05 14.49 12.53
CA LYS A 240 -7.39 14.97 11.33
C LYS A 240 -8.39 15.32 10.25
N LEU A 241 -9.44 14.50 10.09
CA LEU A 241 -10.47 14.78 9.10
C LEU A 241 -11.24 16.04 9.44
N ALA A 242 -11.52 16.28 10.73
CA ALA A 242 -12.19 17.51 11.13
C ALA A 242 -11.31 18.72 10.81
N SER A 243 -10.00 18.61 11.07
CA SER A 243 -9.10 19.70 10.72
C SER A 243 -9.09 19.94 9.21
N ILE A 244 -9.05 18.87 8.42
CA ILE A 244 -9.04 19.01 6.96
C ILE A 244 -10.34 19.65 6.49
N GLU A 245 -11.47 19.25 7.06
CA GLU A 245 -12.76 19.82 6.68
C GLU A 245 -12.83 21.30 7.04
N TYR A 246 -12.29 21.67 8.21
CA TYR A 246 -12.26 23.08 8.58
C TYR A 246 -11.40 23.89 7.61
N LYS A 247 -10.25 23.34 7.22
CA LYS A 247 -9.40 24.03 6.25
C LYS A 247 -10.09 24.15 4.90
N LYS A 248 -10.81 23.11 4.49
CA LYS A 248 -11.56 23.16 3.23
C LYS A 248 -12.65 24.22 3.27
N ALA A 249 -13.38 24.29 4.40
CA ALA A 249 -14.43 25.29 4.53
C ALA A 249 -13.85 26.70 4.53
N SER A 250 -12.73 26.90 5.22
CA SER A 250 -12.09 28.21 5.25
C SER A 250 -11.43 28.54 3.91
N ALA A 251 -11.23 27.55 3.05
CA ALA A 251 -10.60 27.80 1.77
C ALA A 251 -11.53 28.59 0.85
N PRO A 252 -10.98 29.38 -0.08
CA PRO A 252 -11.84 30.16 -0.98
C PRO A 252 -12.63 29.28 -1.95
N LYS A 253 -13.48 29.91 -2.76
CA LYS A 253 -14.30 29.20 -3.72
C LYS A 253 -13.95 29.65 -5.14
N ASP A 254 -12.66 29.75 -5.42
CA ASP A 254 -12.16 30.14 -6.72
C ASP A 254 -11.49 28.95 -7.41
N THR A 255 -11.08 29.18 -8.65
CA THR A 255 -10.43 28.15 -9.47
C THR A 255 -8.96 28.53 -9.65
N ILE A 256 -8.07 27.62 -9.26
CA ILE A 256 -6.64 27.81 -9.45
C ILE A 256 -6.30 27.26 -10.83
N TYR A 257 -6.11 28.15 -11.79
CA TYR A 257 -5.93 27.74 -13.18
C TYR A 257 -4.54 27.15 -13.40
N HIS A 258 -4.47 26.20 -14.33
CA HIS A 258 -3.22 25.55 -14.70
C HIS A 258 -2.98 25.47 -16.20
N ALA A 259 -4.02 25.57 -17.03
CA ALA A 259 -3.90 25.44 -18.48
C ALA A 259 -4.52 26.64 -19.18
N LYS A 260 -4.16 27.84 -18.71
CA LYS A 260 -4.64 29.05 -19.35
C LYS A 260 -4.14 29.18 -20.78
N ASP A 261 -2.97 28.60 -21.07
CA ASP A 261 -2.37 28.68 -22.40
C ASP A 261 -2.78 27.53 -23.30
N ALA A 262 -3.63 26.62 -22.84
CA ALA A 262 -4.04 25.49 -23.66
C ALA A 262 -4.90 25.97 -24.81
N VAL A 263 -4.45 25.70 -26.04
CA VAL A 263 -5.16 26.09 -27.25
C VAL A 263 -5.29 24.87 -28.14
N GLN A 264 -6.44 24.75 -28.82
CA GLN A 264 -6.67 23.65 -29.74
C GLN A 264 -5.88 23.89 -31.02
N ALA A 265 -5.13 22.87 -31.44
CA ALA A 265 -4.32 23.01 -32.65
C ALA A 265 -5.21 23.22 -33.88
N THR A 266 -6.18 22.34 -34.08
CA THR A 266 -7.13 22.46 -35.19
C THR A 266 -8.54 22.24 -34.66
N LYS A 267 -9.48 23.06 -35.12
CA LYS A 267 -10.87 22.94 -34.72
C LYS A 267 -11.56 21.85 -35.54
N PRO A 268 -12.70 21.32 -35.03
CA PRO A 268 -13.44 20.26 -35.75
C PRO A 268 -14.29 20.79 -36.91
N ASP A 269 -13.66 21.54 -37.80
CA ASP A 269 -14.27 22.00 -39.03
C ASP A 269 -13.46 21.66 -40.27
N MET A 270 -12.13 21.69 -40.16
CA MET A 270 -11.23 21.33 -41.25
C MET A 270 -10.79 19.88 -41.18
N ARG A 271 -11.23 19.13 -40.17
CA ARG A 271 -10.82 17.75 -39.97
C ARG A 271 -12.03 16.89 -39.59
N LYS A 272 -11.78 15.59 -39.49
CA LYS A 272 -12.80 14.67 -39.01
C LYS A 272 -12.94 14.83 -37.50
N PRO A 273 -14.13 15.14 -36.98
CA PRO A 273 -14.29 15.31 -35.54
C PRO A 273 -13.96 14.03 -34.78
N ARG A 274 -13.33 14.19 -33.62
CA ARG A 274 -12.93 13.05 -32.82
C ARG A 274 -13.99 12.71 -31.78
N LEU A 275 -13.94 11.47 -31.30
CA LEU A 275 -14.91 10.98 -30.33
C LEU A 275 -14.23 9.90 -29.50
N VAL A 276 -14.07 10.16 -28.21
CA VAL A 276 -13.34 9.26 -27.32
C VAL A 276 -14.28 8.79 -26.22
N VAL A 277 -14.35 7.48 -26.02
CA VAL A 277 -15.13 6.87 -24.95
C VAL A 277 -14.13 6.41 -23.90
N PHE A 278 -13.90 7.25 -22.90
CA PHE A 278 -12.94 6.95 -21.83
C PHE A 278 -13.67 6.20 -20.73
N VAL A 279 -13.40 4.90 -20.62
CA VAL A 279 -14.10 4.04 -19.67
C VAL A 279 -13.30 4.02 -18.38
N VAL A 280 -13.72 4.85 -17.42
CA VAL A 280 -13.18 4.75 -16.07
C VAL A 280 -13.51 3.37 -15.50
N GLY A 281 -12.50 2.69 -14.99
CA GLY A 281 -12.64 1.33 -14.48
C GLY A 281 -12.64 1.31 -12.97
N GLU A 282 -13.51 0.49 -12.40
CA GLU A 282 -13.49 0.21 -10.97
C GLU A 282 -12.45 -0.90 -10.77
N THR A 283 -12.47 -1.53 -9.59
CA THR A 283 -11.46 -2.51 -9.19
C THR A 283 -11.08 -3.47 -10.30
N ALA A 284 -9.78 -3.58 -10.55
CA ALA A 284 -9.21 -4.53 -11.49
C ALA A 284 -7.72 -4.62 -11.23
N ARG A 285 -7.15 -5.80 -11.47
CA ARG A 285 -5.75 -6.06 -11.22
C ARG A 285 -5.01 -6.24 -12.54
N ALA A 286 -3.86 -5.57 -12.67
CA ALA A 286 -3.09 -5.62 -13.90
C ALA A 286 -2.57 -7.01 -14.22
N ASP A 287 -2.39 -7.86 -13.21
CA ASP A 287 -1.89 -9.21 -13.42
C ASP A 287 -2.99 -10.23 -13.67
N HIS A 288 -4.25 -9.81 -13.64
CA HIS A 288 -5.38 -10.71 -13.87
C HIS A 288 -5.91 -10.67 -15.29
N VAL A 289 -5.30 -9.87 -16.17
CA VAL A 289 -5.70 -9.83 -17.57
C VAL A 289 -4.89 -10.86 -18.35
N SER A 290 -5.46 -11.35 -19.44
CA SER A 290 -4.82 -12.40 -20.21
C SER A 290 -3.54 -11.91 -20.89
N PHE A 291 -3.55 -10.68 -21.40
CA PHE A 291 -2.43 -10.19 -22.19
C PHE A 291 -1.15 -10.09 -21.37
N ASN A 292 -1.24 -9.58 -20.14
CA ASN A 292 -0.07 -9.46 -19.28
C ASN A 292 0.24 -10.74 -18.50
N GLY A 293 -0.30 -11.87 -18.92
CA GLY A 293 0.03 -13.13 -18.30
C GLY A 293 -0.99 -13.62 -17.29
N TYR A 294 -1.80 -14.60 -17.69
CA TYR A 294 -2.78 -15.20 -16.79
C TYR A 294 -3.15 -16.56 -17.35
N GLU A 295 -3.22 -17.57 -16.47
CA GLU A 295 -3.51 -18.93 -16.91
C GLU A 295 -4.90 -19.00 -17.56
N ARG A 296 -5.89 -18.37 -16.95
CA ARG A 296 -7.22 -18.33 -17.52
C ARG A 296 -7.31 -17.20 -18.55
N ASP A 297 -8.39 -17.22 -19.32
CA ASP A 297 -8.63 -16.24 -20.38
C ASP A 297 -9.80 -15.36 -19.96
N THR A 298 -9.48 -14.28 -19.25
CA THR A 298 -10.50 -13.35 -18.77
C THR A 298 -10.82 -12.25 -19.77
N PHE A 299 -10.06 -12.13 -20.85
CA PHE A 299 -10.29 -11.12 -21.88
C PHE A 299 -10.24 -11.76 -23.26
N PRO A 300 -11.21 -12.62 -23.60
CA PRO A 300 -11.20 -13.24 -24.93
C PRO A 300 -11.79 -12.34 -26.00
N GLN A 301 -12.72 -11.47 -25.62
CA GLN A 301 -13.40 -10.62 -26.61
C GLN A 301 -12.53 -9.45 -27.07
N LEU A 302 -11.41 -9.19 -26.41
CA LEU A 302 -10.47 -8.17 -26.88
C LEU A 302 -9.40 -8.73 -27.80
N ALA A 303 -9.12 -10.03 -27.71
CA ALA A 303 -8.12 -10.64 -28.59
C ALA A 303 -8.60 -10.64 -30.03
N LYS A 304 -9.90 -10.82 -30.26
CA LYS A 304 -10.45 -10.84 -31.61
C LYS A 304 -10.75 -9.44 -32.14
N ILE A 305 -10.52 -8.40 -31.34
CA ILE A 305 -10.69 -7.02 -31.77
C ILE A 305 -9.32 -6.46 -32.11
N ASP A 306 -9.12 -6.10 -33.37
CA ASP A 306 -7.83 -5.61 -33.83
C ASP A 306 -7.62 -4.17 -33.43
N GLY A 307 -6.40 -3.84 -33.02
CA GLY A 307 -6.04 -2.49 -32.64
C GLY A 307 -5.96 -2.25 -31.15
N VAL A 308 -6.32 -3.23 -30.32
CA VAL A 308 -6.29 -3.08 -28.87
C VAL A 308 -4.86 -3.23 -28.40
N THR A 309 -4.35 -2.22 -27.70
CA THR A 309 -3.02 -2.24 -27.12
C THR A 309 -3.15 -2.16 -25.60
N ASN A 310 -2.45 -3.05 -24.91
CA ASN A 310 -2.54 -3.14 -23.45
C ASN A 310 -1.14 -2.92 -22.88
N PHE A 311 -1.02 -1.97 -21.96
CA PHE A 311 0.24 -1.64 -21.32
C PHE A 311 0.39 -2.46 -20.04
N SER A 312 1.55 -3.11 -19.88
CA SER A 312 1.75 -4.10 -18.83
C SER A 312 2.06 -3.48 -17.47
N ASN A 313 2.44 -2.21 -17.40
CA ASN A 313 2.85 -1.59 -16.14
C ASN A 313 2.18 -0.23 -16.00
N VAL A 314 1.03 -0.20 -15.33
CA VAL A 314 0.33 1.04 -15.00
C VAL A 314 0.05 1.03 -13.50
N THR A 315 0.55 2.04 -12.79
CA THR A 315 0.36 2.17 -11.36
C THR A 315 -0.59 3.33 -11.09
N SER A 316 -1.68 3.05 -10.38
CA SER A 316 -2.71 4.05 -10.18
C SER A 316 -2.29 5.06 -9.11
N CYS A 317 -3.04 6.17 -9.06
CA CYS A 317 -2.73 7.25 -8.13
C CYS A 317 -2.96 6.82 -6.68
N GLY A 318 -3.99 6.02 -6.42
CA GLY A 318 -4.30 5.62 -5.07
C GLY A 318 -5.09 4.33 -5.05
N THR A 319 -5.39 3.86 -3.83
CA THR A 319 -6.07 2.59 -3.65
C THR A 319 -7.56 2.74 -3.43
N SER A 320 -8.08 3.97 -3.53
CA SER A 320 -9.50 4.20 -3.34
C SER A 320 -10.03 5.06 -4.47
N THR A 321 -11.30 4.85 -4.83
CA THR A 321 -11.89 5.54 -5.97
C THR A 321 -11.95 7.04 -5.73
N ALA A 322 -12.38 7.45 -4.53
CA ALA A 322 -12.49 8.87 -4.24
C ALA A 322 -11.14 9.57 -4.26
N TYR A 323 -10.07 8.84 -3.98
CA TYR A 323 -8.72 9.40 -4.02
C TYR A 323 -8.05 9.26 -5.37
N SER A 324 -8.55 8.37 -6.24
CA SER A 324 -7.90 8.11 -7.51
C SER A 324 -8.55 8.84 -8.68
N VAL A 325 -9.88 8.91 -8.69
CA VAL A 325 -10.57 9.55 -9.82
C VAL A 325 -10.17 11.01 -10.00
N PRO A 326 -10.15 11.85 -8.96
CA PRO A 326 -9.63 13.21 -9.15
C PRO A 326 -8.18 13.24 -9.60
N CYS A 327 -7.36 12.30 -9.12
CA CYS A 327 -5.95 12.28 -9.50
C CYS A 327 -5.74 11.92 -10.96
N MET A 328 -6.69 11.20 -11.57
CA MET A 328 -6.56 10.88 -12.99
C MET A 328 -6.67 12.12 -13.85
N PHE A 329 -7.49 13.09 -13.45
CA PHE A 329 -7.85 14.21 -14.30
C PHE A 329 -7.20 15.52 -13.87
N SER A 330 -6.39 15.51 -12.82
CA SER A 330 -5.72 16.71 -12.36
C SER A 330 -4.39 16.89 -13.07
N TYR A 331 -4.04 18.16 -13.33
CA TYR A 331 -2.78 18.47 -13.98
C TYR A 331 -1.57 18.21 -13.10
N LEU A 332 -1.77 18.04 -11.79
CA LEU A 332 -0.69 17.72 -10.87
C LEU A 332 -0.45 16.23 -10.84
N GLY A 333 0.82 15.83 -10.80
CA GLY A 333 1.17 14.44 -10.72
C GLY A 333 0.84 13.84 -9.37
N ALA A 334 1.06 12.52 -9.28
CA ALA A 334 0.76 11.81 -8.04
C ALA A 334 1.62 12.26 -6.87
N ASP A 335 2.77 12.87 -7.12
CA ASP A 335 3.64 13.35 -6.05
C ASP A 335 3.20 14.71 -5.52
N GLU A 336 2.38 15.45 -6.26
CA GLU A 336 1.93 16.77 -5.86
C GLU A 336 0.43 16.85 -5.59
N TYR A 337 -0.35 15.94 -6.17
CA TYR A 337 -1.81 15.98 -6.03
C TYR A 337 -2.21 15.87 -4.56
N ASP A 338 -3.17 16.71 -4.17
CA ASP A 338 -3.73 16.70 -2.82
C ASP A 338 -5.24 16.57 -2.93
N VAL A 339 -5.79 15.53 -2.31
CA VAL A 339 -7.22 15.25 -2.43
C VAL A 339 -8.04 16.36 -1.77
N ASP A 340 -7.50 17.01 -0.75
CA ASP A 340 -8.25 18.02 -0.01
C ASP A 340 -8.59 19.21 -0.90
N THR A 341 -7.80 19.48 -1.93
CA THR A 341 -8.03 20.61 -2.84
C THR A 341 -8.25 20.14 -4.27
N ALA A 342 -8.61 18.87 -4.47
CA ALA A 342 -8.72 18.32 -5.81
C ALA A 342 -9.81 19.02 -6.62
N LYS A 343 -10.97 19.24 -6.01
CA LYS A 343 -12.08 19.83 -6.76
C LYS A 343 -11.84 21.30 -7.05
N TYR A 344 -11.07 22.00 -6.21
CA TYR A 344 -10.83 23.41 -6.44
C TYR A 344 -9.83 23.64 -7.58
N GLN A 345 -8.88 22.72 -7.75
CA GLN A 345 -7.92 22.85 -8.83
C GLN A 345 -8.58 22.56 -10.18
N GLU A 346 -8.03 23.16 -11.23
CA GLU A 346 -8.53 22.97 -12.58
C GLU A 346 -8.17 21.56 -13.06
N ASN A 347 -9.15 20.87 -13.62
CA ASN A 347 -8.97 19.53 -14.18
C ASN A 347 -9.00 19.60 -15.70
N VAL A 348 -8.59 18.49 -16.33
CA VAL A 348 -8.57 18.44 -17.78
C VAL A 348 -9.98 18.53 -18.35
N LEU A 349 -10.99 18.11 -17.59
CA LEU A 349 -12.37 18.18 -18.07
C LEU A 349 -12.81 19.62 -18.26
N ASP A 350 -12.46 20.51 -17.31
CA ASP A 350 -12.83 21.92 -17.44
C ASP A 350 -12.17 22.51 -18.67
N THR A 351 -10.89 22.18 -18.91
CA THR A 351 -10.19 22.68 -20.09
C THR A 351 -10.84 22.19 -21.37
N LEU A 352 -11.18 20.90 -21.43
CA LEU A 352 -11.80 20.36 -22.64
C LEU A 352 -13.15 21.00 -22.90
N ASP A 353 -13.95 21.21 -21.85
CA ASP A 353 -15.25 21.86 -22.03
C ASP A 353 -15.09 23.30 -22.48
N ARG A 354 -14.12 24.01 -21.90
CA ARG A 354 -13.90 25.41 -22.25
C ARG A 354 -13.41 25.57 -23.70
N LEU A 355 -12.56 24.64 -24.15
CA LEU A 355 -11.99 24.75 -25.48
C LEU A 355 -13.00 24.48 -26.59
N GLY A 356 -14.19 24.02 -26.26
CA GLY A 356 -15.22 23.73 -27.24
C GLY A 356 -15.56 22.27 -27.44
N VAL A 357 -15.03 21.37 -26.62
CA VAL A 357 -15.31 19.95 -26.71
C VAL A 357 -16.39 19.64 -25.68
N SER A 358 -17.60 19.38 -26.15
CA SER A 358 -18.69 19.01 -25.24
C SER A 358 -18.41 17.64 -24.65
N ILE A 359 -18.70 17.48 -23.36
CA ILE A 359 -18.39 16.28 -22.63
C ILE A 359 -19.66 15.70 -22.02
N LEU A 360 -19.66 14.39 -21.81
CA LEU A 360 -20.75 13.69 -21.15
C LEU A 360 -20.16 12.68 -20.17
N TRP A 361 -20.77 12.57 -19.00
CA TRP A 361 -20.42 11.57 -18.02
C TRP A 361 -21.65 10.70 -17.75
N ARG A 362 -21.48 9.39 -17.84
CA ARG A 362 -22.55 8.44 -17.56
C ARG A 362 -22.11 7.62 -16.35
N ASP A 363 -22.42 8.12 -15.16
CA ASP A 363 -22.04 7.49 -13.91
C ASP A 363 -22.70 6.14 -13.76
N ASN A 364 -21.97 5.19 -13.17
CA ASN A 364 -22.56 3.93 -12.76
C ASN A 364 -22.21 3.49 -11.35
N ASN A 365 -21.05 3.86 -10.81
CA ASN A 365 -20.66 3.27 -9.55
C ASN A 365 -21.23 4.07 -8.38
N SER A 366 -20.70 5.26 -8.12
CA SER A 366 -21.20 6.07 -7.01
C SER A 366 -21.55 7.51 -7.40
N ASP A 367 -20.56 8.22 -7.93
CA ASP A 367 -20.59 9.68 -8.03
C ASP A 367 -19.33 10.07 -8.80
N SER A 368 -19.33 11.28 -9.36
CA SER A 368 -18.16 11.77 -10.08
C SER A 368 -16.98 12.03 -9.16
N LYS A 369 -17.20 12.02 -7.84
CA LYS A 369 -16.18 12.18 -6.81
C LYS A 369 -15.52 13.56 -6.82
N GLY A 370 -16.20 14.57 -7.35
CA GLY A 370 -15.70 15.94 -7.31
C GLY A 370 -15.04 16.43 -8.58
N VAL A 371 -15.10 15.68 -9.68
CA VAL A 371 -14.41 16.07 -10.90
C VAL A 371 -15.40 16.66 -11.90
N MET A 372 -16.64 16.17 -11.88
CA MET A 372 -17.70 16.72 -12.71
C MET A 372 -18.59 17.64 -11.88
N ASP A 373 -18.00 18.75 -11.44
CA ASP A 373 -18.70 19.73 -10.61
C ASP A 373 -18.76 21.12 -11.22
N LYS A 374 -17.70 21.56 -11.91
CA LYS A 374 -17.69 22.87 -12.52
C LYS A 374 -18.48 22.95 -13.82
N LEU A 375 -18.94 21.82 -14.34
CA LEU A 375 -19.69 21.75 -15.57
C LEU A 375 -21.18 21.64 -15.27
N PRO A 376 -22.04 22.02 -16.23
CA PRO A 376 -23.48 22.01 -15.96
C PRO A 376 -23.98 20.63 -15.57
N LYS A 377 -24.97 20.62 -14.66
CA LYS A 377 -25.53 19.37 -14.16
C LYS A 377 -26.19 18.55 -15.26
N ALA A 378 -26.61 19.18 -16.36
CA ALA A 378 -27.28 18.47 -17.44
C ALA A 378 -26.36 17.47 -18.14
N GLN A 379 -25.04 17.57 -17.95
CA GLN A 379 -24.11 16.67 -18.60
C GLN A 379 -23.84 15.41 -17.78
N PHE A 380 -23.80 15.53 -16.46
CA PHE A 380 -23.59 14.39 -15.58
C PHE A 380 -24.93 13.69 -15.37
N ALA A 381 -25.05 12.47 -15.89
CA ALA A 381 -26.28 11.69 -15.82
C ALA A 381 -25.96 10.35 -15.18
N ASP A 382 -26.33 10.19 -13.91
CA ASP A 382 -26.11 8.93 -13.22
C ASP A 382 -27.02 7.84 -13.78
N TYR A 383 -26.51 6.61 -13.76
CA TYR A 383 -27.21 5.45 -14.30
C TYR A 383 -27.33 4.34 -13.27
N LYS A 384 -27.33 4.70 -11.98
CA LYS A 384 -27.43 3.71 -10.92
C LYS A 384 -28.85 3.17 -10.77
N SER A 385 -29.86 4.01 -10.96
CA SER A 385 -31.25 3.65 -10.74
C SER A 385 -31.93 3.34 -12.06
N ALA A 386 -33.04 2.62 -11.98
CA ALA A 386 -33.82 2.25 -13.16
C ALA A 386 -34.47 3.44 -13.84
N THR A 387 -34.50 4.61 -13.18
CA THR A 387 -35.10 5.79 -13.80
C THR A 387 -34.34 6.21 -15.06
N ASN A 388 -33.05 5.89 -15.13
CA ASN A 388 -32.23 6.23 -16.29
C ASN A 388 -31.71 5.02 -17.04
N ASN A 389 -31.28 3.98 -16.32
CA ASN A 389 -30.73 2.79 -16.96
C ASN A 389 -31.86 1.90 -17.45
N ALA A 390 -31.98 1.74 -18.77
CA ALA A 390 -33.04 0.94 -19.35
C ALA A 390 -32.76 -0.55 -19.30
N ILE A 391 -31.51 -0.97 -19.11
CA ILE A 391 -31.17 -2.38 -19.04
C ILE A 391 -30.88 -2.76 -17.59
N CYS A 392 -31.90 -3.26 -16.90
CA CYS A 392 -31.76 -3.71 -15.52
C CYS A 392 -32.61 -4.97 -15.35
N ASN A 393 -32.79 -5.38 -14.10
CA ASN A 393 -33.59 -6.54 -13.70
C ASN A 393 -33.35 -7.78 -14.56
N THR A 394 -32.12 -7.95 -15.03
CA THR A 394 -31.74 -9.17 -15.75
C THR A 394 -31.15 -10.22 -14.82
N ASN A 395 -31.06 -9.93 -13.53
CA ASN A 395 -30.49 -10.83 -12.54
C ASN A 395 -31.37 -10.80 -11.30
N PRO A 396 -31.36 -11.88 -10.50
CA PRO A 396 -32.13 -11.87 -9.25
C PRO A 396 -31.73 -10.76 -8.29
N TYR A 397 -30.48 -10.29 -8.35
CA TYR A 397 -30.02 -9.23 -7.47
C TYR A 397 -30.59 -7.87 -7.83
N ASN A 398 -31.27 -7.75 -8.97
CA ASN A 398 -31.89 -6.50 -9.41
C ASN A 398 -30.89 -5.35 -9.45
N GLU A 399 -29.71 -5.61 -10.01
CA GLU A 399 -28.69 -4.60 -10.21
C GLU A 399 -28.71 -4.11 -11.66
N CYS A 400 -28.37 -2.84 -11.84
CA CYS A 400 -28.33 -2.21 -13.15
C CYS A 400 -26.90 -2.30 -13.69
N ARG A 401 -26.76 -2.90 -14.87
CA ARG A 401 -25.45 -3.26 -15.40
C ARG A 401 -24.82 -2.08 -16.12
N ASP A 402 -23.67 -2.32 -16.76
CA ASP A 402 -22.94 -1.27 -17.45
C ASP A 402 -23.31 -1.17 -18.93
N VAL A 403 -23.73 -2.28 -19.54
CA VAL A 403 -24.05 -2.27 -20.96
C VAL A 403 -25.25 -1.37 -21.23
N GLY A 404 -26.14 -1.19 -20.25
CA GLY A 404 -27.27 -0.30 -20.42
C GLY A 404 -26.87 1.16 -20.58
N MET A 405 -25.64 1.51 -20.18
CA MET A 405 -25.16 2.88 -20.34
C MET A 405 -24.88 3.23 -21.80
N LEU A 406 -24.87 2.25 -22.69
CA LEU A 406 -24.73 2.50 -24.12
C LEU A 406 -26.08 2.64 -24.83
N VAL A 407 -27.18 2.58 -24.09
CA VAL A 407 -28.51 2.71 -24.67
C VAL A 407 -28.88 4.18 -24.65
N GLY A 408 -28.83 4.82 -25.81
CA GLY A 408 -29.17 6.24 -25.94
C GLY A 408 -28.01 7.14 -26.28
N LEU A 409 -26.80 6.62 -26.51
CA LEU A 409 -25.68 7.49 -26.85
C LEU A 409 -25.83 8.09 -28.24
N ASP A 410 -26.54 7.40 -29.14
CA ASP A 410 -26.75 7.94 -30.47
C ASP A 410 -27.52 9.26 -30.45
N ASP A 411 -28.41 9.42 -29.46
CA ASP A 411 -29.12 10.69 -29.33
C ASP A 411 -28.16 11.83 -29.02
N PHE A 412 -27.21 11.60 -28.11
CA PHE A 412 -26.22 12.62 -27.80
C PHE A 412 -25.32 12.89 -29.00
N VAL A 413 -24.94 11.82 -29.72
CA VAL A 413 -24.10 12.00 -30.91
C VAL A 413 -24.83 12.87 -31.94
N ALA A 414 -26.11 12.60 -32.17
CA ALA A 414 -26.88 13.42 -33.10
C ALA A 414 -27.02 14.85 -32.61
N ALA A 415 -27.23 15.03 -31.31
CA ALA A 415 -27.34 16.37 -30.74
C ALA A 415 -26.02 17.13 -30.81
N ASN A 416 -24.90 16.43 -30.94
CA ASN A 416 -23.58 17.04 -31.06
C ASN A 416 -22.95 16.69 -32.40
N ASN A 417 -23.75 16.77 -33.46
CA ASN A 417 -23.31 16.37 -34.80
C ASN A 417 -22.38 17.45 -35.35
N GLY A 418 -21.08 17.21 -35.28
CA GLY A 418 -20.12 18.10 -35.91
C GLY A 418 -18.97 18.55 -35.02
N LYS A 419 -19.08 18.33 -33.72
CA LYS A 419 -18.08 18.77 -32.77
C LYS A 419 -17.50 17.59 -32.01
N ASP A 420 -16.31 17.80 -31.43
CA ASP A 420 -15.67 16.76 -30.66
C ASP A 420 -16.50 16.39 -29.43
N MET A 421 -16.52 15.11 -29.10
CA MET A 421 -17.18 14.63 -27.90
C MET A 421 -16.25 13.71 -27.14
N LEU A 422 -16.38 13.72 -25.81
CA LEU A 422 -15.63 12.84 -24.92
C LEU A 422 -16.65 12.16 -24.01
N ILE A 423 -17.23 11.06 -24.50
CA ILE A 423 -18.28 10.35 -23.78
C ILE A 423 -17.59 9.44 -22.76
N MET A 424 -17.41 9.94 -21.55
CA MET A 424 -16.75 9.19 -20.49
C MET A 424 -17.74 8.33 -19.74
N LEU A 425 -17.36 7.08 -19.50
CA LEU A 425 -18.24 6.08 -18.90
C LEU A 425 -17.60 5.55 -17.62
N HIS A 426 -18.35 5.55 -16.53
CA HIS A 426 -17.88 4.98 -15.28
C HIS A 426 -18.41 3.55 -15.15
N GLN A 427 -17.60 2.68 -14.58
CA GLN A 427 -17.93 1.27 -14.44
C GLN A 427 -18.21 0.91 -12.99
N MET A 428 -19.11 -0.05 -12.81
CA MET A 428 -19.23 -0.70 -11.51
C MET A 428 -18.05 -1.63 -11.26
N GLY A 429 -17.51 -2.21 -12.34
CA GLY A 429 -16.28 -2.97 -12.26
C GLY A 429 -16.40 -4.18 -11.36
N ASN A 430 -15.34 -4.45 -10.60
CA ASN A 430 -15.25 -5.59 -9.70
C ASN A 430 -15.47 -5.16 -8.26
N HIS A 431 -16.39 -4.22 -8.05
CA HIS A 431 -16.62 -3.66 -6.72
C HIS A 431 -17.01 -4.75 -5.73
N GLY A 432 -16.30 -4.82 -4.61
CA GLY A 432 -16.58 -5.81 -3.59
C GLY A 432 -17.41 -5.24 -2.47
N PRO A 433 -17.66 -6.06 -1.43
CA PRO A 433 -17.27 -7.47 -1.29
C PRO A 433 -18.27 -8.41 -1.95
N ALA A 434 -18.77 -8.06 -3.13
CA ALA A 434 -19.85 -8.78 -3.79
C ALA A 434 -19.52 -9.03 -5.26
N TYR A 435 -18.33 -9.61 -5.51
CA TYR A 435 -17.90 -9.85 -6.88
C TYR A 435 -18.88 -10.72 -7.67
N PHE A 436 -19.67 -11.54 -6.98
CA PHE A 436 -20.61 -12.44 -7.65
C PHE A 436 -21.86 -11.72 -8.14
N LYS A 437 -22.05 -10.44 -7.80
CA LYS A 437 -23.22 -9.69 -8.22
C LYS A 437 -22.95 -8.71 -9.34
N ARG A 438 -21.75 -8.74 -9.94
CA ARG A 438 -21.38 -7.81 -11.00
C ARG A 438 -21.39 -8.44 -12.38
N TYR A 439 -22.12 -9.53 -12.56
CA TYR A 439 -22.16 -10.22 -13.85
C TYR A 439 -23.46 -11.00 -13.95
N ASP A 440 -23.86 -11.28 -15.19
CA ASP A 440 -25.04 -12.09 -15.47
C ASP A 440 -24.64 -13.56 -15.60
N GLU A 441 -25.66 -14.42 -15.57
CA GLU A 441 -25.42 -15.86 -15.68
C GLU A 441 -24.81 -16.24 -17.03
N LYS A 442 -24.93 -15.37 -18.03
CA LYS A 442 -24.30 -15.66 -19.32
C LYS A 442 -22.79 -15.78 -19.19
N PHE A 443 -22.20 -15.05 -18.24
CA PHE A 443 -20.76 -15.07 -18.03
C PHE A 443 -20.35 -15.94 -16.84
N ALA A 444 -21.26 -16.76 -16.33
CA ALA A 444 -20.96 -17.71 -15.25
C ALA A 444 -20.19 -18.88 -15.86
N LYS A 445 -18.89 -18.66 -16.04
CA LYS A 445 -18.04 -19.62 -16.72
C LYS A 445 -17.05 -20.34 -15.79
N PHE A 446 -16.68 -19.72 -14.68
CA PHE A 446 -15.71 -20.29 -13.75
C PHE A 446 -16.47 -20.77 -12.51
N THR A 447 -16.55 -22.09 -12.37
CA THR A 447 -17.31 -22.77 -11.32
C THR A 447 -16.37 -23.51 -10.38
N PRO A 448 -16.61 -23.46 -9.06
CA PRO A 448 -17.68 -22.77 -8.33
C PRO A 448 -17.40 -21.28 -8.09
N VAL A 449 -18.39 -20.55 -7.61
CA VAL A 449 -18.23 -19.14 -7.26
C VAL A 449 -18.59 -18.97 -5.79
N CYS A 450 -18.05 -17.91 -5.19
CA CYS A 450 -18.29 -17.60 -3.78
C CYS A 450 -19.56 -16.77 -3.69
N GLU A 451 -20.68 -17.43 -3.41
CA GLU A 451 -21.95 -16.74 -3.25
C GLU A 451 -22.11 -16.14 -1.86
N GLY A 452 -21.25 -16.51 -0.91
CA GLY A 452 -21.33 -15.96 0.43
C GLY A 452 -20.93 -14.50 0.49
N ASN A 453 -21.35 -13.85 1.57
CA ASN A 453 -21.10 -12.43 1.77
C ASN A 453 -19.81 -12.15 2.51
N GLU A 454 -19.08 -13.17 2.95
CA GLU A 454 -17.84 -13.00 3.71
C GLU A 454 -16.70 -13.63 2.92
N LEU A 455 -15.61 -12.88 2.78
CA LEU A 455 -14.46 -13.37 2.02
C LEU A 455 -13.64 -14.38 2.82
N ALA A 456 -13.66 -14.27 4.15
CA ALA A 456 -12.81 -15.12 4.98
C ALA A 456 -13.26 -16.58 4.96
N LYS A 457 -14.49 -16.87 4.56
CA LYS A 457 -14.98 -18.24 4.55
C LYS A 457 -14.80 -18.92 3.21
N CYS A 458 -15.06 -18.21 2.11
CA CYS A 458 -14.86 -18.79 0.79
C CYS A 458 -13.39 -19.10 0.55
N GLU A 459 -13.13 -20.20 -0.15
CA GLU A 459 -11.76 -20.54 -0.49
C GLU A 459 -11.21 -19.57 -1.52
N HIS A 460 -9.88 -19.56 -1.65
CA HIS A 460 -9.23 -18.60 -2.54
C HIS A 460 -9.66 -18.81 -3.98
N GLN A 461 -9.75 -20.07 -4.43
CA GLN A 461 -10.19 -20.36 -5.79
C GLN A 461 -11.62 -19.92 -6.04
N SER A 462 -12.52 -20.12 -5.08
CA SER A 462 -13.91 -19.73 -5.25
C SER A 462 -14.08 -18.22 -5.33
N LEU A 463 -13.19 -17.45 -4.72
CA LEU A 463 -13.19 -16.00 -4.86
C LEU A 463 -12.54 -15.56 -6.17
N ILE A 464 -11.46 -16.24 -6.57
CA ILE A 464 -10.81 -15.94 -7.83
C ILE A 464 -11.78 -16.15 -8.99
N ASN A 465 -12.60 -17.20 -8.91
CA ASN A 465 -13.55 -17.48 -9.99
C ASN A 465 -14.56 -16.36 -10.15
N ALA A 466 -15.13 -15.88 -9.04
CA ALA A 466 -16.09 -14.78 -9.11
C ALA A 466 -15.43 -13.50 -9.59
N TYR A 467 -14.21 -13.21 -9.12
CA TYR A 467 -13.51 -12.02 -9.55
C TYR A 467 -13.24 -12.06 -11.05
N ASP A 468 -12.83 -13.22 -11.57
CA ASP A 468 -12.57 -13.34 -12.99
C ASP A 468 -13.84 -13.31 -13.82
N ASN A 469 -14.96 -13.80 -13.26
CA ASN A 469 -16.23 -13.67 -13.95
C ASN A 469 -16.65 -12.21 -14.08
N ALA A 470 -16.47 -11.44 -13.01
CA ALA A 470 -16.75 -10.00 -13.09
C ALA A 470 -15.81 -9.32 -14.09
N LEU A 471 -14.55 -9.76 -14.13
CA LEU A 471 -13.62 -9.26 -15.14
C LEU A 471 -14.11 -9.59 -16.55
N LEU A 472 -14.69 -10.78 -16.74
CA LEU A 472 -15.27 -11.13 -18.03
C LEU A 472 -16.42 -10.22 -18.40
N ALA A 473 -17.26 -9.88 -17.42
CA ALA A 473 -18.34 -8.92 -17.67
C ALA A 473 -17.79 -7.57 -18.09
N THR A 474 -16.74 -7.10 -17.40
CA THR A 474 -16.09 -5.85 -17.81
C THR A 474 -15.53 -5.96 -19.22
N ASP A 475 -14.94 -7.11 -19.56
CA ASP A 475 -14.42 -7.35 -20.90
C ASP A 475 -15.53 -7.20 -21.93
N ASP A 476 -16.70 -7.82 -21.65
CA ASP A 476 -17.81 -7.73 -22.58
C ASP A 476 -18.29 -6.29 -22.74
N PHE A 477 -18.35 -5.54 -21.64
CA PHE A 477 -18.74 -4.14 -21.73
C PHE A 477 -17.76 -3.36 -22.60
N ILE A 478 -16.46 -3.59 -22.42
CA ILE A 478 -15.46 -2.89 -23.21
C ILE A 478 -15.60 -3.25 -24.69
N ALA A 479 -15.82 -4.53 -24.98
CA ALA A 479 -15.98 -4.96 -26.36
C ALA A 479 -17.20 -4.32 -27.01
N GLN A 480 -18.31 -4.25 -26.27
CA GLN A 480 -19.51 -3.61 -26.81
C GLN A 480 -19.26 -2.13 -27.06
N SER A 481 -18.54 -1.47 -26.15
CA SER A 481 -18.17 -0.08 -26.37
C SER A 481 -17.33 0.09 -27.62
N ILE A 482 -16.39 -0.83 -27.84
CA ILE A 482 -15.53 -0.77 -29.02
C ILE A 482 -16.35 -0.95 -30.30
N GLN A 483 -17.31 -1.89 -30.27
CA GLN A 483 -18.17 -2.08 -31.43
C GLN A 483 -19.03 -0.86 -31.70
N TRP A 484 -19.55 -0.24 -30.65
CA TRP A 484 -20.35 0.99 -30.82
C TRP A 484 -19.49 2.10 -31.40
N LEU A 485 -18.22 2.18 -30.98
CA LEU A 485 -17.31 3.14 -31.59
C LEU A 485 -17.08 2.83 -33.06
N GLN A 486 -16.91 1.55 -33.39
CA GLN A 486 -16.63 1.14 -34.76
C GLN A 486 -17.81 1.46 -35.68
N THR A 487 -19.04 1.34 -35.18
CA THR A 487 -20.19 1.61 -36.05
C THR A 487 -20.31 3.08 -36.43
N HIS A 488 -19.54 3.97 -35.79
CA HIS A 488 -19.52 5.40 -36.15
C HIS A 488 -18.23 5.79 -36.86
N SER A 489 -17.47 4.81 -37.36
CA SER A 489 -16.17 5.11 -37.96
C SER A 489 -16.27 5.95 -39.23
N ASN A 490 -17.39 5.87 -39.95
CA ASN A 490 -17.49 6.57 -41.23
C ASN A 490 -17.67 8.08 -41.09
N ALA A 491 -17.87 8.58 -39.86
CA ALA A 491 -18.08 10.00 -39.66
C ALA A 491 -17.27 10.59 -38.50
N TYR A 492 -16.49 9.78 -37.80
CA TYR A 492 -15.71 10.28 -36.66
C TYR A 492 -14.43 9.47 -36.54
N ASP A 493 -13.45 10.05 -35.87
CA ASP A 493 -12.19 9.38 -35.55
C ASP A 493 -12.30 8.86 -34.13
N VAL A 494 -12.89 7.67 -33.99
CA VAL A 494 -13.18 7.14 -32.67
C VAL A 494 -11.90 6.68 -31.98
N SER A 495 -11.95 6.67 -30.65
CA SER A 495 -10.85 6.21 -29.81
C SER A 495 -11.43 5.76 -28.47
N MET A 496 -10.75 4.82 -27.83
CA MET A 496 -11.21 4.24 -26.58
C MET A 496 -10.02 4.07 -25.64
N LEU A 497 -10.21 4.48 -24.39
CA LEU A 497 -9.17 4.36 -23.37
C LEU A 497 -9.80 3.84 -22.10
N TYR A 498 -9.19 2.83 -21.48
CA TYR A 498 -9.68 2.22 -20.26
C TYR A 498 -8.55 2.15 -19.24
N VAL A 499 -8.87 2.46 -17.99
CA VAL A 499 -7.90 2.38 -16.90
C VAL A 499 -8.67 2.29 -15.59
N SER A 500 -8.24 1.37 -14.73
CA SER A 500 -8.90 1.18 -13.44
C SER A 500 -8.29 2.09 -12.39
N ASP A 501 -9.14 2.49 -11.43
CA ASP A 501 -8.73 3.45 -10.41
C ASP A 501 -7.84 2.83 -9.33
N HIS A 502 -7.97 1.53 -9.07
CA HIS A 502 -7.13 0.86 -8.07
C HIS A 502 -7.26 -0.64 -8.26
N GLY A 503 -6.39 -1.37 -7.58
CA GLY A 503 -6.38 -2.82 -7.62
C GLY A 503 -7.19 -3.43 -6.50
N GLU A 504 -6.82 -4.65 -6.12
CA GLU A 504 -7.54 -5.38 -5.10
C GLU A 504 -6.59 -6.33 -4.37
N SER A 505 -6.94 -6.66 -3.14
CA SER A 505 -6.27 -7.72 -2.39
C SER A 505 -7.25 -8.87 -2.19
N LEU A 506 -6.78 -10.09 -2.42
CA LEU A 506 -7.65 -11.26 -2.39
C LEU A 506 -7.13 -12.35 -1.46
N GLY A 507 -6.43 -11.99 -0.40
CA GLY A 507 -5.99 -12.97 0.57
C GLY A 507 -4.51 -12.93 0.88
N GLU A 508 -3.74 -12.22 0.07
CA GLU A 508 -2.31 -12.15 0.27
C GLU A 508 -1.98 -11.37 1.54
N ASN A 509 -1.28 -12.02 2.45
CA ASN A 509 -0.87 -11.48 3.74
C ASN A 509 -2.06 -11.05 4.61
N GLY A 510 -3.26 -11.53 4.31
CA GLY A 510 -4.43 -11.26 5.11
C GLY A 510 -5.31 -10.14 4.60
N VAL A 511 -4.79 -9.27 3.74
CA VAL A 511 -5.58 -8.18 3.20
C VAL A 511 -6.63 -8.74 2.24
N TYR A 512 -7.82 -8.13 2.25
CA TYR A 512 -8.92 -8.64 1.46
C TYR A 512 -9.71 -7.58 0.71
N LEU A 513 -9.40 -6.29 0.87
CA LEU A 513 -10.16 -5.25 0.20
C LEU A 513 -9.31 -4.00 0.09
N HIS A 514 -9.64 -3.16 -0.90
CA HIS A 514 -8.88 -1.95 -1.13
C HIS A 514 -9.19 -0.89 -0.07
N GLY A 515 -8.29 0.07 0.06
CA GLY A 515 -8.47 1.15 1.00
C GLY A 515 -7.23 1.45 1.82
N MET A 516 -6.16 0.69 1.60
CA MET A 516 -4.94 0.88 2.36
C MET A 516 -4.30 2.23 2.02
N PRO A 517 -3.57 2.82 2.95
CA PRO A 517 -2.97 4.14 2.68
C PRO A 517 -1.97 4.07 1.55
N ASN A 518 -1.86 5.20 0.82
CA ASN A 518 -0.98 5.26 -0.33
C ASN A 518 0.48 5.05 0.02
N ALA A 519 0.85 5.23 1.29
CA ALA A 519 2.25 5.15 1.68
C ALA A 519 2.76 3.71 1.70
N PHE A 520 1.95 2.77 2.17
CA PHE A 520 2.42 1.40 2.35
C PHE A 520 1.40 0.38 1.85
N ALA A 521 0.60 0.73 0.86
CA ALA A 521 -0.37 -0.21 0.32
C ALA A 521 0.34 -1.31 -0.46
N PRO A 522 -0.24 -2.52 -0.49
CA PRO A 522 0.34 -3.59 -1.30
C PRO A 522 0.29 -3.26 -2.78
N LYS A 523 1.25 -3.81 -3.53
CA LYS A 523 1.32 -3.54 -4.96
C LYS A 523 0.08 -4.02 -5.69
N GLU A 524 -0.60 -5.05 -5.16
CA GLU A 524 -1.81 -5.55 -5.79
C GLU A 524 -2.96 -4.55 -5.75
N GLN A 525 -2.87 -3.54 -4.88
CA GLN A 525 -3.89 -2.50 -4.81
C GLN A 525 -3.59 -1.30 -5.69
N ARG A 526 -2.48 -1.33 -6.44
CA ARG A 526 -2.12 -0.23 -7.32
C ARG A 526 -1.81 -0.65 -8.74
N SER A 527 -1.70 -1.93 -9.03
CA SER A 527 -1.47 -2.41 -10.39
C SER A 527 -2.83 -2.52 -11.09
N VAL A 528 -3.03 -1.69 -12.12
CA VAL A 528 -4.31 -1.63 -12.81
C VAL A 528 -4.10 -1.90 -14.31
N PRO A 529 -5.04 -2.56 -14.97
CA PRO A 529 -4.92 -2.75 -16.42
C PRO A 529 -5.22 -1.46 -17.18
N ALA A 530 -4.70 -1.40 -18.40
CA ALA A 530 -4.92 -0.26 -19.27
C ALA A 530 -5.02 -0.75 -20.71
N PHE A 531 -6.09 -0.36 -21.39
CA PHE A 531 -6.31 -0.71 -22.79
C PHE A 531 -6.57 0.56 -23.59
N PHE A 532 -6.03 0.59 -24.81
CA PHE A 532 -6.28 1.69 -25.74
C PHE A 532 -6.51 1.11 -27.12
N TRP A 533 -7.67 1.37 -27.69
CA TRP A 533 -8.00 0.96 -29.04
C TRP A 533 -8.43 2.17 -29.85
N THR A 534 -8.00 2.24 -31.10
CA THR A 534 -8.41 3.32 -31.98
C THR A 534 -8.43 2.80 -33.41
N ASP A 535 -9.17 3.50 -34.26
CA ASP A 535 -9.30 3.09 -35.65
C ASP A 535 -7.96 3.24 -36.37
N LYS A 536 -7.70 2.33 -37.29
CA LYS A 536 -6.43 2.29 -38.02
C LYS A 536 -6.29 3.42 -39.04
N GLN A 537 -7.22 4.37 -39.11
CA GLN A 537 -7.13 5.48 -40.04
C GLN A 537 -6.97 6.84 -39.37
N THR A 538 -7.16 6.92 -38.05
CA THR A 538 -7.06 8.20 -37.35
C THR A 538 -5.61 8.66 -37.19
N GLY A 539 -4.64 7.78 -37.37
CA GLY A 539 -3.26 8.16 -37.25
C GLY A 539 -2.78 8.42 -35.84
N ILE A 540 -3.35 7.73 -34.85
CA ILE A 540 -2.92 7.83 -33.46
C ILE A 540 -2.06 6.62 -33.14
N THR A 541 -0.79 6.86 -32.84
CA THR A 541 0.17 5.79 -32.59
C THR A 541 0.40 5.62 -31.10
N PRO A 542 -0.04 4.52 -30.48
CA PRO A 542 0.19 4.34 -29.05
C PRO A 542 1.65 4.04 -28.75
N MET A 543 2.01 4.17 -27.48
CA MET A 543 3.33 3.82 -27.01
C MET A 543 3.52 2.30 -27.05
N ALA A 544 4.72 1.86 -26.69
CA ALA A 544 5.00 0.44 -26.61
C ALA A 544 4.23 -0.18 -25.44
N THR A 545 3.96 -1.48 -25.57
CA THR A 545 3.21 -2.19 -24.54
C THR A 545 3.99 -2.31 -23.23
N ASP A 546 5.31 -2.20 -23.28
CA ASP A 546 6.15 -2.36 -22.10
C ASP A 546 6.54 -1.05 -21.45
N THR A 547 6.00 0.08 -21.93
CA THR A 547 6.32 1.37 -21.34
C THR A 547 5.79 1.46 -19.91
N VAL A 548 6.55 2.11 -19.05
CA VAL A 548 6.15 2.30 -17.66
C VAL A 548 5.43 3.62 -17.52
N LEU A 549 4.11 3.48 -17.15
CA LEU A 549 3.25 4.68 -17.02
C LEU A 549 2.47 4.61 -15.70
N THR A 550 2.07 5.79 -15.18
CA THR A 550 1.23 5.85 -13.98
C THR A 550 -0.09 6.55 -14.30
N HIS A 551 -0.88 6.84 -13.27
CA HIS A 551 -2.13 7.56 -13.48
C HIS A 551 -1.93 9.00 -13.90
N ASP A 552 -0.71 9.52 -13.81
CA ASP A 552 -0.43 10.87 -14.28
C ASP A 552 -0.44 10.97 -15.80
N ALA A 553 -0.51 9.85 -16.51
CA ALA A 553 -0.49 9.83 -17.96
C ALA A 553 -1.88 10.00 -18.58
N ILE A 554 -2.92 10.15 -17.77
CA ILE A 554 -4.27 10.23 -18.31
C ILE A 554 -4.54 11.60 -18.92
N THR A 555 -4.25 12.66 -18.16
CA THR A 555 -4.48 14.01 -18.68
C THR A 555 -3.68 14.31 -19.95
N PRO A 556 -2.37 14.02 -20.04
CA PRO A 556 -1.69 14.24 -21.33
C PRO A 556 -2.29 13.44 -22.47
N THR A 557 -2.76 12.22 -22.21
CA THR A 557 -3.38 11.44 -23.28
C THR A 557 -4.67 12.08 -23.76
N LEU A 558 -5.52 12.53 -22.82
CA LEU A 558 -6.77 13.17 -23.21
C LEU A 558 -6.51 14.47 -23.96
N LEU A 559 -5.50 15.22 -23.55
CA LEU A 559 -5.17 16.45 -24.27
C LEU A 559 -4.60 16.15 -25.65
N LYS A 560 -3.79 15.09 -25.78
CA LYS A 560 -3.19 14.76 -27.07
C LYS A 560 -4.23 14.19 -28.03
N LEU A 561 -5.30 13.59 -27.51
CA LEU A 561 -6.34 13.04 -28.38
C LEU A 561 -7.01 14.13 -29.19
N PHE A 562 -7.21 15.31 -28.59
CA PHE A 562 -7.81 16.44 -29.28
C PHE A 562 -6.79 17.47 -29.74
N ASP A 563 -5.51 17.12 -29.71
CA ASP A 563 -4.43 18.00 -30.16
C ASP A 563 -4.44 19.33 -29.40
N VAL A 564 -4.25 19.23 -28.09
CA VAL A 564 -4.19 20.38 -27.20
C VAL A 564 -2.83 20.38 -26.53
N THR A 565 -2.06 21.32 -26.56
CA THR A 565 -0.73 21.34 -25.91
C THR A 565 -0.76 22.39 -24.79
N ALA A 566 -0.56 22.06 -23.62
CA ALA A 566 -0.49 22.85 -22.40
C ALA A 566 0.86 22.59 -21.75
N ASP A 567 1.61 23.67 -21.48
CA ASP A 567 2.95 23.52 -20.92
C ASP A 567 2.94 22.91 -19.53
N LYS A 568 1.80 22.95 -18.83
CA LYS A 568 1.72 22.38 -17.49
C LYS A 568 1.91 20.86 -17.52
N VAL A 569 1.51 20.21 -18.60
CA VAL A 569 1.50 18.75 -18.67
C VAL A 569 2.18 18.20 -19.92
N LYS A 570 2.70 19.07 -20.80
CA LYS A 570 3.23 18.60 -22.07
C LYS A 570 4.43 17.68 -21.88
N ASP A 571 5.28 17.96 -20.89
CA ASP A 571 6.47 17.16 -20.64
C ASP A 571 6.18 15.98 -19.72
N ARG A 572 5.17 15.20 -20.08
CA ARG A 572 4.80 14.01 -19.31
C ARG A 572 4.54 12.86 -20.27
N THR A 573 4.85 11.65 -19.81
CA THR A 573 4.61 10.46 -20.61
C THR A 573 3.11 10.26 -20.81
N ALA A 574 2.73 9.91 -22.03
CA ALA A 574 1.33 9.72 -22.39
C ALA A 574 1.15 8.35 -23.02
N PHE A 575 -0.09 7.86 -22.97
CA PHE A 575 -0.43 6.57 -23.56
C PHE A 575 -0.22 6.56 -25.06
N ILE A 576 -0.30 7.71 -25.73
CA ILE A 576 -0.14 7.80 -27.17
C ILE A 576 0.92 8.84 -27.50
N ARG A 577 1.48 8.72 -28.70
CA ARG A 577 2.52 9.64 -29.16
C ARG A 577 1.94 11.02 -29.47
N SER B 8 37.79 -1.69 -1.19
CA SER B 8 39.12 -2.28 -1.21
C SER B 8 39.52 -2.77 0.18
N PRO B 9 40.08 -3.98 0.26
CA PRO B 9 40.47 -4.54 1.55
C PRO B 9 41.74 -3.89 2.08
N SER B 10 41.94 -4.05 3.38
CA SER B 10 43.11 -3.49 4.06
C SER B 10 43.54 -4.43 5.18
N SER B 11 44.84 -4.70 5.25
CA SER B 11 45.40 -5.54 6.32
C SER B 11 45.99 -4.65 7.40
N LEU B 12 45.11 -4.14 8.25
CA LEU B 12 45.53 -3.15 9.24
C LEU B 12 46.33 -3.79 10.38
N SER B 13 45.71 -4.69 11.15
CA SER B 13 46.35 -5.24 12.32
C SER B 13 47.58 -6.08 11.94
N ALA B 14 47.36 -7.19 11.22
CA ALA B 14 48.44 -8.03 10.71
C ALA B 14 49.45 -8.39 11.79
N SER B 15 48.96 -8.67 13.00
CA SER B 15 49.84 -8.99 14.12
C SER B 15 49.68 -10.43 14.59
N VAL B 16 48.48 -10.82 15.01
CA VAL B 16 48.13 -12.17 15.42
C VAL B 16 48.91 -12.59 16.68
N GLY B 17 48.24 -13.28 17.59
CA GLY B 17 48.87 -13.70 18.83
C GLY B 17 48.76 -12.72 19.97
N ASP B 18 47.87 -11.74 19.87
CA ASP B 18 47.64 -10.76 20.92
C ASP B 18 46.30 -10.09 20.68
N ARG B 19 45.92 -9.21 21.59
CA ARG B 19 44.69 -8.46 21.41
C ARG B 19 44.82 -7.52 20.21
N VAL B 20 43.70 -7.35 19.49
CA VAL B 20 43.67 -6.48 18.32
C VAL B 20 42.56 -5.46 18.52
N THR B 21 42.72 -4.32 17.84
CA THR B 21 41.75 -3.22 17.90
C THR B 21 41.63 -2.62 16.51
N ILE B 22 40.42 -2.67 15.96
CA ILE B 22 40.14 -2.13 14.63
C ILE B 22 38.99 -1.15 14.75
N THR B 23 39.17 0.05 14.20
CA THR B 23 38.22 1.14 14.35
C THR B 23 37.48 1.41 13.05
N CYS B 24 36.22 1.83 13.19
CA CYS B 24 35.40 2.27 12.07
C CYS B 24 34.77 3.59 12.45
N ARG B 25 34.75 4.53 11.51
CA ARG B 25 34.16 5.85 11.76
C ARG B 25 32.71 5.85 11.34
N ALA B 26 31.81 6.11 12.29
CA ALA B 26 30.38 6.15 12.02
C ALA B 26 29.98 7.59 11.75
N SER B 27 29.66 7.89 10.49
CA SER B 27 29.17 9.23 10.15
C SER B 27 27.89 9.55 10.90
N GLN B 28 26.96 8.60 10.94
CA GLN B 28 25.78 8.69 11.79
C GLN B 28 26.04 7.91 13.06
N SER B 29 25.66 8.48 14.21
CA SER B 29 25.94 7.83 15.49
C SER B 29 25.33 6.44 15.54
N VAL B 30 23.99 6.37 15.52
CA VAL B 30 23.18 5.14 15.52
C VAL B 30 23.89 4.00 16.24
N SER B 31 24.21 4.20 17.52
CA SER B 31 24.95 3.20 18.27
C SER B 31 24.19 1.89 18.40
N SER B 32 22.88 1.90 18.20
CA SER B 32 22.07 0.69 18.29
C SER B 32 22.01 -0.08 16.97
N ALA B 33 22.66 0.43 15.92
CA ALA B 33 22.64 -0.20 14.60
C ALA B 33 24.05 -0.33 14.05
N VAL B 34 24.98 -0.80 14.89
CA VAL B 34 26.36 -1.03 14.50
C VAL B 34 26.68 -2.49 14.83
N ALA B 35 27.20 -3.22 13.84
CA ALA B 35 27.52 -4.63 14.02
C ALA B 35 28.75 -4.97 13.18
N TRP B 36 29.35 -6.11 13.49
CA TRP B 36 30.55 -6.57 12.83
C TRP B 36 30.33 -7.96 12.25
N TYR B 37 31.07 -8.29 11.19
CA TYR B 37 30.88 -9.53 10.47
C TYR B 37 32.23 -10.18 10.20
N GLN B 38 32.29 -11.50 10.37
CA GLN B 38 33.51 -12.27 10.16
C GLN B 38 33.36 -13.04 8.85
N GLN B 39 33.89 -12.48 7.77
CA GLN B 39 33.79 -13.11 6.45
C GLN B 39 35.02 -13.98 6.23
N LYS B 40 34.83 -15.30 6.24
CA LYS B 40 35.88 -16.21 5.88
C LYS B 40 36.20 -16.06 4.38
N PRO B 41 37.41 -16.43 3.95
CA PRO B 41 37.85 -16.07 2.59
C PRO B 41 36.94 -16.58 1.48
N GLY B 42 36.28 -17.71 1.69
CA GLY B 42 35.41 -18.26 0.66
C GLY B 42 33.96 -18.43 1.05
N LYS B 43 33.65 -18.27 2.33
CA LYS B 43 32.32 -18.55 2.84
C LYS B 43 31.56 -17.25 3.08
N ALA B 44 30.30 -17.36 3.52
CA ALA B 44 29.47 -16.20 3.84
C ALA B 44 29.88 -15.62 5.19
N PRO B 45 29.77 -14.31 5.37
CA PRO B 45 30.19 -13.70 6.64
C PRO B 45 29.33 -14.16 7.81
N LYS B 46 29.97 -14.22 8.98
CA LYS B 46 29.27 -14.50 10.23
C LYS B 46 28.74 -13.18 10.78
N LEU B 47 28.20 -13.21 12.00
CA LEU B 47 27.52 -12.04 12.56
C LEU B 47 28.20 -11.48 13.81
N LEU B 48 29.27 -12.13 14.28
CA LEU B 48 29.86 -11.90 15.60
C LEU B 48 29.76 -10.45 16.07
N ILE B 49 29.24 -10.26 17.28
CA ILE B 49 29.12 -8.96 17.93
C ILE B 49 28.09 -8.10 17.20
N TYR B 50 27.00 -7.76 17.89
CA TYR B 50 25.97 -6.90 17.36
C TYR B 50 25.61 -5.82 18.37
N SER B 51 24.99 -4.75 17.87
CA SER B 51 24.61 -3.57 18.64
C SER B 51 25.83 -2.86 19.24
N ALA B 52 27.04 -3.24 18.82
CA ALA B 52 28.30 -2.60 19.20
C ALA B 52 28.68 -2.87 20.64
N SER B 53 27.79 -3.51 21.40
CA SER B 53 28.09 -3.84 22.79
C SER B 53 27.66 -5.25 23.19
N SER B 54 26.82 -5.91 22.40
CA SER B 54 26.30 -7.22 22.75
C SER B 54 27.05 -8.32 21.99
N LEU B 55 26.74 -9.56 22.36
CA LEU B 55 27.41 -10.73 21.80
C LEU B 55 26.37 -11.68 21.22
N TYR B 56 26.69 -12.25 20.05
CA TYR B 56 25.87 -13.27 19.43
C TYR B 56 26.42 -14.65 19.76
N SER B 57 25.52 -15.63 19.82
CA SER B 57 25.93 -16.99 20.16
C SER B 57 26.92 -17.53 19.12
N GLY B 58 27.99 -18.16 19.62
CA GLY B 58 28.98 -18.74 18.74
C GLY B 58 30.41 -18.40 19.13
N VAL B 59 30.57 -17.69 20.24
CA VAL B 59 31.91 -17.30 20.71
C VAL B 59 31.91 -17.12 22.22
N PRO B 60 32.86 -17.71 22.93
CA PRO B 60 32.95 -17.51 24.38
C PRO B 60 33.64 -16.20 24.75
N SER B 61 33.01 -15.07 24.43
CA SER B 61 33.46 -13.74 24.83
C SER B 61 34.85 -13.39 24.29
N ARG B 62 35.32 -14.08 23.26
CA ARG B 62 36.60 -13.72 22.66
C ARG B 62 36.54 -12.33 22.05
N PHE B 63 35.53 -12.08 21.20
CA PHE B 63 35.27 -10.75 20.67
C PHE B 63 34.30 -10.06 21.61
N SER B 64 34.76 -9.00 22.27
CA SER B 64 33.94 -8.26 23.24
C SER B 64 33.29 -7.03 22.64
N GLY B 65 34.07 -6.18 21.97
CA GLY B 65 33.55 -4.97 21.37
C GLY B 65 33.21 -3.89 22.38
N SER B 66 33.25 -2.64 21.95
CA SER B 66 32.97 -1.51 22.83
C SER B 66 32.75 -0.27 21.97
N ARG B 67 32.48 0.85 22.63
CA ARG B 67 32.25 2.12 21.96
C ARG B 67 33.05 3.21 22.65
N SER B 68 33.39 4.26 21.89
CA SER B 68 34.10 5.40 22.43
C SER B 68 33.69 6.63 21.63
N GLY B 69 32.74 7.38 22.15
CA GLY B 69 32.25 8.55 21.43
C GLY B 69 31.59 8.15 20.13
N THR B 70 32.08 8.71 19.02
CA THR B 70 31.56 8.45 17.70
C THR B 70 32.31 7.30 17.01
N ASP B 71 33.33 6.75 17.66
CA ASP B 71 34.16 5.70 17.08
C ASP B 71 33.89 4.38 17.80
N PHE B 72 33.68 3.32 17.03
CA PHE B 72 33.42 1.99 17.55
C PHE B 72 34.58 1.07 17.19
N THR B 73 35.05 0.30 18.16
CA THR B 73 36.21 -0.56 17.98
C THR B 73 35.88 -2.00 18.35
N LEU B 74 36.67 -2.92 17.82
CA LEU B 74 36.56 -4.34 18.10
C LEU B 74 37.77 -4.83 18.88
N THR B 75 37.54 -5.63 19.91
CA THR B 75 38.60 -6.17 20.74
C THR B 75 38.45 -7.68 20.83
N ILE B 76 39.54 -8.40 20.53
CA ILE B 76 39.61 -9.84 20.71
C ILE B 76 40.62 -10.10 21.82
N SER B 77 40.20 -10.85 22.84
CA SER B 77 41.03 -11.01 24.04
C SER B 77 41.97 -12.18 23.92
N SER B 78 41.46 -13.37 23.60
CA SER B 78 42.29 -14.56 23.57
C SER B 78 43.06 -14.66 22.26
N LEU B 79 43.98 -15.62 22.21
CA LEU B 79 44.70 -15.92 20.98
C LEU B 79 43.74 -16.49 19.95
N GLN B 80 44.14 -16.41 18.68
CA GLN B 80 43.29 -16.79 17.55
C GLN B 80 43.99 -17.86 16.72
N PRO B 81 43.92 -19.13 17.12
CA PRO B 81 44.39 -20.20 16.25
C PRO B 81 43.43 -20.51 15.10
N GLU B 82 42.16 -20.17 15.24
CA GLU B 82 41.18 -20.28 14.18
C GLU B 82 40.43 -18.96 14.12
N ASP B 83 40.41 -18.37 12.92
CA ASP B 83 39.99 -16.99 12.64
C ASP B 83 40.60 -16.55 11.32
N PHE B 84 41.44 -15.51 11.37
CA PHE B 84 42.22 -15.06 10.22
C PHE B 84 41.34 -14.61 9.06
N ALA B 85 40.13 -14.17 9.38
CA ALA B 85 39.16 -13.74 8.39
C ALA B 85 39.12 -12.22 8.31
N THR B 86 38.15 -11.70 7.57
CA THR B 86 38.01 -10.26 7.36
C THR B 86 36.81 -9.75 8.15
N TYR B 87 36.97 -8.60 8.79
CA TYR B 87 35.93 -7.98 9.59
C TYR B 87 35.49 -6.66 8.99
N TYR B 88 34.18 -6.43 8.96
CA TYR B 88 33.61 -5.22 8.39
C TYR B 88 32.74 -4.53 9.44
N CYS B 89 32.94 -3.24 9.62
CA CYS B 89 32.01 -2.45 10.42
C CYS B 89 30.77 -2.12 9.60
N GLN B 90 29.62 -2.10 10.27
CA GLN B 90 28.34 -1.85 9.61
C GLN B 90 27.65 -0.70 10.33
N GLN B 91 27.50 0.43 9.64
CA GLN B 91 26.89 1.62 10.20
C GLN B 91 25.49 1.78 9.63
N SER B 92 24.51 2.00 10.53
CA SER B 92 23.11 2.31 10.21
C SER B 92 22.41 1.14 9.52
N TYR B 93 21.08 1.07 9.68
CA TYR B 93 20.29 -0.03 9.14
C TYR B 93 19.41 0.37 7.97
N TRP B 94 19.06 1.66 7.84
CA TRP B 94 18.18 2.11 6.77
C TRP B 94 18.65 3.50 6.34
N PRO B 95 19.55 3.58 5.37
CA PRO B 95 20.16 2.49 4.59
C PRO B 95 21.33 1.82 5.30
N ILE B 96 22.11 1.00 4.62
CA ILE B 96 23.23 0.27 5.21
C ILE B 96 24.50 0.63 4.46
N THR B 97 25.56 0.94 5.21
CA THR B 97 26.88 1.18 4.65
C THR B 97 27.88 0.30 5.38
N PHE B 98 28.80 -0.30 4.64
CA PHE B 98 29.85 -1.12 5.21
C PHE B 98 31.18 -0.38 5.16
N GLY B 99 32.11 -0.80 6.03
CA GLY B 99 33.42 -0.20 6.09
C GLY B 99 34.34 -0.68 4.99
N GLN B 100 35.64 -0.46 5.17
CA GLN B 100 36.62 -0.88 4.18
C GLN B 100 37.18 -2.27 4.43
N GLY B 101 36.87 -2.89 5.57
CA GLY B 101 37.32 -4.22 5.85
C GLY B 101 38.70 -4.24 6.51
N THR B 102 38.99 -5.34 7.18
CA THR B 102 40.27 -5.52 7.86
C THR B 102 40.73 -6.96 7.67
N LYS B 103 42.02 -7.18 7.81
CA LYS B 103 42.59 -8.52 7.70
C LYS B 103 43.70 -8.70 8.73
N VAL B 104 43.76 -10.07 9.13
CA VAL B 104 44.76 -10.47 10.16
C VAL B 104 45.69 -11.55 9.57
N GLU B 105 47.04 -11.49 9.98
CA GLU B 105 47.96 -12.53 9.51
C GLU B 105 49.14 -12.68 10.45
N GLU C 4 15.12 -24.55 10.29
CA GLU C 4 15.97 -23.39 10.52
C GLU C 4 16.03 -22.50 9.28
N VAL C 5 16.83 -21.44 9.36
CA VAL C 5 16.99 -20.52 8.23
C VAL C 5 17.82 -21.23 7.16
N GLN C 6 17.35 -21.20 5.92
CA GLN C 6 18.10 -21.78 4.81
C GLN C 6 18.03 -20.86 3.59
N LEU C 7 18.30 -19.57 3.80
CA LEU C 7 18.33 -18.62 2.70
C LEU C 7 19.37 -19.04 1.66
N VAL C 8 18.92 -19.42 0.47
CA VAL C 8 19.80 -19.82 -0.61
C VAL C 8 19.49 -18.94 -1.83
N GLU C 9 20.51 -18.72 -2.66
CA GLU C 9 20.43 -17.81 -3.78
C GLU C 9 20.49 -18.57 -5.09
N SER C 10 19.80 -18.04 -6.10
CA SER C 10 19.81 -18.65 -7.42
C SER C 10 19.63 -17.55 -8.46
N GLY C 11 20.08 -17.84 -9.68
CA GLY C 11 19.95 -16.90 -10.78
C GLY C 11 21.22 -16.15 -11.11
N GLY C 12 22.35 -16.87 -11.13
CA GLY C 12 23.62 -16.27 -11.50
C GLY C 12 23.86 -16.31 -13.00
N GLY C 13 24.98 -16.87 -13.41
CA GLY C 13 25.27 -17.06 -14.82
C GLY C 13 25.87 -15.83 -15.48
N LEU C 14 26.14 -15.98 -16.77
CA LEU C 14 26.77 -14.93 -17.56
C LEU C 14 25.72 -14.02 -18.17
N VAL C 15 25.99 -12.71 -18.12
CA VAL C 15 25.15 -11.71 -18.75
C VAL C 15 26.02 -10.74 -19.51
N GLN C 16 25.42 -10.07 -20.49
CA GLN C 16 26.09 -9.07 -21.29
C GLN C 16 25.80 -7.68 -20.76
N PRO C 17 26.70 -6.71 -20.98
CA PRO C 17 26.42 -5.33 -20.55
C PRO C 17 25.16 -4.80 -21.21
N GLY C 18 24.37 -4.07 -20.43
CA GLY C 18 23.07 -3.63 -20.87
C GLY C 18 21.99 -4.69 -20.80
N GLY C 19 22.28 -5.84 -20.21
CA GLY C 19 21.33 -6.94 -20.12
C GLY C 19 20.45 -6.86 -18.90
N SER C 20 20.02 -8.02 -18.43
CA SER C 20 19.10 -8.09 -17.30
C SER C 20 19.30 -9.40 -16.55
N LEU C 21 18.86 -9.43 -15.29
CA LEU C 21 18.92 -10.62 -14.46
C LEU C 21 17.87 -10.50 -13.37
N ARG C 22 17.59 -11.63 -12.72
CA ARG C 22 16.54 -11.71 -11.72
C ARG C 22 16.84 -12.90 -10.81
N LEU C 23 17.15 -12.47 -9.50
CA LEU C 23 17.59 -13.51 -8.52
C LEU C 23 16.45 -13.94 -7.60
N SER C 24 16.72 -14.98 -6.77
CA SER C 24 15.74 -15.48 -5.81
C SER C 24 16.43 -15.77 -4.49
N CYS C 25 15.65 -15.76 -3.42
CA CYS C 25 16.17 -15.98 -2.06
C CYS C 25 15.06 -16.56 -1.18
N ALA C 26 15.34 -16.59 0.12
CA ALA C 26 14.33 -16.81 1.17
C ALA C 26 13.77 -18.22 1.19
N ALA C 27 14.58 -19.22 0.87
CA ALA C 27 14.10 -20.59 1.01
C ALA C 27 13.86 -20.93 2.48
N SER C 28 13.16 -22.04 2.70
CA SER C 28 12.79 -22.53 4.02
C SER C 28 11.85 -21.57 4.73
N GLY C 29 11.28 -21.99 5.86
CA GLY C 29 10.35 -21.13 6.58
C GLY C 29 11.03 -19.96 7.25
N PHE C 30 12.13 -20.23 7.98
CA PHE C 30 12.81 -19.27 8.84
C PHE C 30 11.82 -18.37 9.58
N ASN C 31 12.09 -17.08 9.69
CA ASN C 31 11.15 -16.15 10.31
C ASN C 31 10.13 -15.69 9.28
N VAL C 32 9.28 -16.64 8.89
CA VAL C 32 8.20 -16.46 7.91
C VAL C 32 8.79 -16.08 6.57
N TYR C 33 8.98 -14.78 6.34
CA TYR C 33 9.52 -14.22 5.11
C TYR C 33 9.42 -12.71 5.13
N TYR C 34 8.23 -12.21 5.46
CA TYR C 34 7.97 -10.78 5.46
C TYR C 34 8.82 -10.08 6.53
N SER C 35 9.11 -8.81 6.26
CA SER C 35 10.02 -7.95 7.03
C SER C 35 11.47 -8.33 6.80
N SER C 36 12.36 -7.33 6.92
CA SER C 36 13.81 -7.50 6.79
C SER C 36 14.19 -8.11 5.45
N ILE C 37 15.25 -8.92 5.43
CA ILE C 37 15.89 -9.51 4.26
C ILE C 37 16.37 -8.43 3.30
N HIS C 38 17.68 -8.41 3.07
CA HIS C 38 18.40 -7.37 2.33
C HIS C 38 19.13 -8.00 1.14
N TRP C 39 19.98 -7.20 0.50
CA TRP C 39 20.84 -7.66 -0.59
C TRP C 39 22.20 -6.99 -0.46
N VAL C 40 23.24 -7.78 -0.28
CA VAL C 40 24.61 -7.28 -0.12
C VAL C 40 25.50 -7.99 -1.13
N ARG C 41 26.25 -7.21 -1.91
CA ARG C 41 27.12 -7.73 -2.95
C ARG C 41 28.58 -7.49 -2.59
N GLN C 42 29.46 -8.24 -3.24
CA GLN C 42 30.90 -8.20 -2.95
C GLN C 42 31.66 -8.36 -4.26
N ALA C 43 32.31 -7.28 -4.71
CA ALA C 43 33.16 -7.37 -5.87
C ALA C 43 34.37 -8.26 -5.58
N PRO C 44 34.92 -8.93 -6.59
CA PRO C 44 36.07 -9.82 -6.34
C PRO C 44 37.24 -9.07 -5.73
N GLY C 45 37.67 -9.52 -4.56
CA GLY C 45 38.75 -8.87 -3.84
C GLY C 45 38.40 -7.49 -3.34
N LYS C 46 37.15 -7.28 -2.91
CA LYS C 46 36.71 -5.98 -2.41
C LYS C 46 35.80 -6.20 -1.21
N GLY C 47 35.63 -5.15 -0.42
CA GLY C 47 34.77 -5.23 0.74
C GLY C 47 33.30 -5.29 0.38
N LEU C 48 32.50 -5.66 1.36
CA LEU C 48 31.05 -5.78 1.15
C LEU C 48 30.43 -4.42 0.90
N GLU C 49 29.43 -4.40 0.03
CA GLU C 49 28.69 -3.20 -0.29
C GLU C 49 27.20 -3.51 -0.30
N TRP C 50 26.41 -2.71 0.42
CA TRP C 50 24.97 -2.91 0.49
C TRP C 50 24.31 -2.43 -0.79
N VAL C 51 23.31 -3.19 -1.25
CA VAL C 51 22.62 -2.94 -2.51
C VAL C 51 21.21 -2.40 -2.29
N ALA C 52 20.37 -3.18 -1.62
CA ALA C 52 18.97 -2.80 -1.41
C ALA C 52 18.44 -3.51 -0.18
N SER C 53 17.30 -3.03 0.31
CA SER C 53 16.68 -3.60 1.51
C SER C 53 15.17 -3.59 1.31
N ILE C 54 14.62 -4.75 0.99
CA ILE C 54 13.17 -4.89 0.88
C ILE C 54 12.58 -5.05 2.27
N TYR C 55 11.35 -4.54 2.48
CA TYR C 55 10.59 -4.74 3.74
C TYR C 55 9.21 -5.21 3.32
N SER C 56 9.15 -6.35 2.62
CA SER C 56 7.91 -6.87 2.04
C SER C 56 6.82 -7.07 3.07
N SER C 57 5.76 -6.27 2.95
CA SER C 57 4.60 -6.15 3.83
C SER C 57 4.11 -4.72 3.72
N TYR C 58 5.04 -3.78 3.84
CA TYR C 58 4.75 -2.35 3.77
C TYR C 58 5.22 -1.72 2.46
N SER C 59 5.80 -2.52 1.55
CA SER C 59 6.27 -2.04 0.26
C SER C 59 7.25 -0.89 0.41
N SER C 60 8.16 -1.01 1.37
CA SER C 60 9.19 -0.02 1.63
C SER C 60 10.54 -0.60 1.23
N THR C 61 11.24 0.08 0.33
CA THR C 61 12.53 -0.37 -0.18
C THR C 61 13.53 0.79 -0.10
N SER C 62 14.80 0.46 -0.35
CA SER C 62 15.85 1.45 -0.33
C SER C 62 16.96 1.00 -1.29
N TYR C 63 17.79 1.95 -1.70
CA TYR C 63 18.87 1.70 -2.64
C TYR C 63 20.08 2.54 -2.25
N ALA C 64 21.25 2.15 -2.76
CA ALA C 64 22.53 2.68 -2.32
C ALA C 64 23.14 3.66 -3.32
N ASP C 65 22.29 4.42 -4.02
CA ASP C 65 22.70 5.46 -4.96
C ASP C 65 23.39 4.89 -6.20
N SER C 66 24.56 4.28 -6.03
CA SER C 66 25.28 3.67 -7.14
C SER C 66 24.49 2.53 -7.79
N VAL C 67 23.51 1.97 -7.09
CA VAL C 67 22.63 0.94 -7.63
C VAL C 67 21.20 1.43 -7.76
N LYS C 68 20.97 2.74 -7.72
CA LYS C 68 19.65 3.32 -7.81
C LYS C 68 19.30 3.67 -9.25
N GLY C 69 18.01 3.57 -9.57
CA GLY C 69 17.52 3.88 -10.89
C GLY C 69 17.58 2.75 -11.89
N ARG C 70 18.20 1.62 -11.54
CA ARG C 70 18.27 0.46 -12.43
C ARG C 70 17.77 -0.78 -11.71
N PHE C 71 17.85 -0.78 -10.39
CA PHE C 71 17.45 -1.93 -9.60
C PHE C 71 16.04 -1.75 -9.04
N THR C 72 15.31 -2.85 -8.96
CA THR C 72 13.95 -2.85 -8.46
C THR C 72 13.66 -4.21 -7.84
N ILE C 73 13.24 -4.22 -6.58
CA ILE C 73 13.04 -5.44 -5.83
C ILE C 73 11.57 -5.79 -5.81
N SER C 74 11.25 -7.03 -6.18
CA SER C 74 9.92 -7.60 -6.04
C SER C 74 9.90 -8.53 -4.83
N ALA C 75 8.71 -9.07 -4.54
CA ALA C 75 8.56 -9.94 -3.38
C ALA C 75 7.36 -10.84 -3.60
N ASP C 76 7.58 -12.15 -3.57
CA ASP C 76 6.50 -13.14 -3.69
C ASP C 76 6.29 -13.76 -2.32
N THR C 77 5.48 -13.26 -1.49
CA THR C 77 5.28 -13.84 -0.13
C THR C 77 4.65 -15.22 -0.25
N SER C 78 3.75 -15.41 -1.31
CA SER C 78 3.12 -16.73 -1.40
C SER C 78 4.17 -17.84 -1.46
N LYS C 79 5.23 -17.65 -2.24
CA LYS C 79 6.27 -18.65 -2.40
C LYS C 79 7.44 -18.46 -1.45
N ASN C 80 7.41 -17.44 -0.60
CA ASN C 80 8.50 -17.12 0.31
C ASN C 80 9.81 -16.95 -0.45
N THR C 81 9.84 -15.93 -1.31
CA THR C 81 11.00 -15.69 -2.15
C THR C 81 11.06 -14.22 -2.53
N ALA C 82 12.25 -13.64 -2.43
CA ALA C 82 12.50 -12.26 -2.81
C ALA C 82 13.25 -12.21 -4.13
N TYR C 83 12.89 -11.26 -4.97
CA TYR C 83 13.49 -11.09 -6.29
C TYR C 83 14.11 -9.70 -6.39
N LEU C 84 15.29 -9.63 -6.98
CA LEU C 84 15.94 -8.36 -7.27
C LEU C 84 16.12 -8.28 -8.78
N GLN C 85 15.41 -7.36 -9.42
CA GLN C 85 15.44 -7.19 -10.86
C GLN C 85 16.55 -6.21 -11.22
N MET C 86 17.46 -6.62 -12.09
CA MET C 86 18.59 -5.81 -12.50
C MET C 86 18.47 -5.49 -13.98
N ASN C 87 18.61 -4.21 -14.31
CA ASN C 87 18.56 -3.75 -15.70
C ASN C 87 19.76 -2.85 -15.98
N SER C 88 20.19 -2.85 -17.24
CA SER C 88 21.28 -2.00 -17.74
C SER C 88 22.54 -2.19 -16.87
N LEU C 89 23.06 -3.41 -16.89
CA LEU C 89 24.26 -3.72 -16.13
C LEU C 89 25.50 -3.11 -16.82
N ARG C 90 26.49 -2.76 -16.02
CA ARG C 90 27.79 -2.31 -16.52
C ARG C 90 28.88 -3.24 -16.00
N ALA C 91 30.14 -2.88 -16.29
CA ALA C 91 31.25 -3.75 -15.94
C ALA C 91 31.46 -3.84 -14.44
N GLU C 92 31.21 -2.77 -13.69
CA GLU C 92 31.45 -2.77 -12.26
C GLU C 92 30.45 -3.65 -11.51
N ASP C 93 29.31 -3.98 -12.14
CA ASP C 93 28.26 -4.74 -11.48
C ASP C 93 28.66 -6.17 -11.15
N THR C 94 29.77 -6.67 -11.68
CA THR C 94 30.17 -8.05 -11.41
C THR C 94 30.55 -8.20 -9.94
N ALA C 95 29.95 -9.19 -9.28
CA ALA C 95 30.13 -9.41 -7.85
C ALA C 95 29.41 -10.68 -7.45
N VAL C 96 29.62 -11.06 -6.18
CA VAL C 96 28.87 -12.20 -5.61
C VAL C 96 27.76 -11.55 -4.77
N TYR C 97 26.53 -12.02 -4.90
CA TYR C 97 25.38 -11.40 -4.27
C TYR C 97 24.82 -12.30 -3.17
N TYR C 98 24.57 -11.70 -2.01
CA TYR C 98 23.98 -12.39 -0.87
C TYR C 98 22.68 -11.70 -0.49
N CYS C 99 21.86 -12.40 0.30
CA CYS C 99 20.65 -11.83 0.88
C CYS C 99 20.62 -12.19 2.36
N ALA C 100 20.30 -11.22 3.21
CA ALA C 100 20.44 -11.38 4.65
C ALA C 100 19.27 -10.72 5.38
N SER C 101 18.62 -11.49 6.25
CA SER C 101 17.46 -11.03 7.01
C SER C 101 17.90 -10.29 8.26
N GLY C 102 16.95 -10.01 9.15
CA GLY C 102 17.24 -9.39 10.44
C GLY C 102 16.05 -9.44 11.38
N ASN C 103 16.26 -9.92 12.60
CA ASN C 103 15.17 -10.19 13.54
C ASN C 103 15.79 -10.56 14.88
N PHE C 104 14.96 -10.58 15.92
CA PHE C 104 15.28 -11.12 17.24
C PHE C 104 16.11 -10.14 18.06
N SER C 105 15.65 -9.83 19.27
CA SER C 105 16.29 -8.82 20.10
C SER C 105 16.59 -9.28 21.53
N SER C 106 16.20 -10.49 21.92
CA SER C 106 16.39 -10.98 23.28
C SER C 106 15.79 -9.99 24.28
N TRP C 107 16.62 -9.44 25.17
CA TRP C 107 16.17 -8.48 26.16
C TRP C 107 17.24 -7.42 26.35
N TRP C 108 16.83 -6.15 26.22
CA TRP C 108 17.72 -5.01 26.45
C TRP C 108 18.96 -5.07 25.55
N SER C 109 18.78 -5.61 24.34
CA SER C 109 19.92 -5.82 23.44
C SER C 109 19.68 -5.36 22.02
N HIS C 110 18.44 -5.15 21.58
CA HIS C 110 18.12 -4.70 20.22
C HIS C 110 18.57 -5.74 19.20
N GLY C 111 18.89 -5.29 17.99
CA GLY C 111 19.19 -6.19 16.90
C GLY C 111 19.03 -5.55 15.53
N TRP C 112 18.26 -6.21 14.65
CA TRP C 112 17.96 -5.70 13.32
C TRP C 112 19.26 -5.52 12.51
N TYR C 113 19.88 -6.66 12.25
CA TYR C 113 21.16 -6.74 11.56
C TYR C 113 21.09 -7.83 10.50
N ALA C 114 21.95 -7.71 9.49
CA ALA C 114 22.02 -8.69 8.41
C ALA C 114 22.76 -9.92 8.92
N LEU C 115 22.01 -10.87 9.49
CA LEU C 115 22.63 -11.93 10.29
C LEU C 115 22.93 -13.21 9.51
N TYR C 116 21.94 -13.88 8.93
CA TYR C 116 22.31 -15.04 8.14
C TYR C 116 22.37 -14.67 6.66
N TRP C 117 23.14 -15.46 5.92
CA TRP C 117 23.41 -15.19 4.51
C TRP C 117 23.26 -16.49 3.73
N GLY C 118 23.68 -16.47 2.47
CA GLY C 118 23.67 -17.66 1.65
C GLY C 118 25.02 -17.92 1.02
N GLN C 119 25.12 -18.99 0.23
CA GLN C 119 26.39 -19.32 -0.41
C GLN C 119 26.80 -18.29 -1.46
N GLY C 120 25.85 -17.51 -1.96
CA GLY C 120 26.14 -16.48 -2.95
C GLY C 120 26.12 -17.00 -4.37
N THR C 121 25.56 -16.21 -5.28
CA THR C 121 25.51 -16.55 -6.69
C THR C 121 26.36 -15.55 -7.47
N LEU C 122 27.32 -16.06 -8.22
CA LEU C 122 28.21 -15.21 -8.99
C LEU C 122 27.46 -14.59 -10.17
N VAL C 123 27.58 -13.28 -10.32
CA VAL C 123 26.95 -12.54 -11.41
C VAL C 123 28.08 -11.87 -12.19
N THR C 124 28.45 -12.48 -13.31
CA THR C 124 29.57 -12.00 -14.13
C THR C 124 29.02 -11.34 -15.38
N VAL C 125 29.48 -10.13 -15.66
CA VAL C 125 29.13 -9.41 -16.88
C VAL C 125 30.33 -9.44 -17.81
N SER C 126 30.06 -9.44 -19.12
CA SER C 126 31.12 -9.49 -20.12
C SER C 126 30.60 -9.08 -21.50
#